data_443D
# 
_entry.id   443D 
# 
_audit_conform.dict_name       mmcif_pdbx.dic 
_audit_conform.dict_version    5.383 
_audit_conform.dict_location   http://mmcif.pdb.org/dictionaries/ascii/mmcif_pdbx.dic 
# 
loop_
_database_2.database_id 
_database_2.database_code 
_database_2.pdbx_database_accession 
_database_2.pdbx_DOI 
PDB   443D         pdb_0000443d 10.2210/pdb443d/pdb 
NDB   DD0004       ?            ?                   
RCSB  RCSB001336   ?            ?                   
WWPDB D_1000001336 ?            ?                   
# 
loop_
_pdbx_audit_revision_history.ordinal 
_pdbx_audit_revision_history.data_content_type 
_pdbx_audit_revision_history.major_revision 
_pdbx_audit_revision_history.minor_revision 
_pdbx_audit_revision_history.revision_date 
1 'Structure model' 1 0 2000-02-02 
2 'Structure model' 1 1 2008-04-26 
3 'Structure model' 1 2 2011-07-13 
4 'Structure model' 1 3 2018-03-07 
5 'Structure model' 1 4 2023-12-27 
# 
_pdbx_audit_revision_details.ordinal             1 
_pdbx_audit_revision_details.revision_ordinal    1 
_pdbx_audit_revision_details.data_content_type   'Structure model' 
_pdbx_audit_revision_details.provider            repository 
_pdbx_audit_revision_details.type                'Initial release' 
_pdbx_audit_revision_details.description         ? 
_pdbx_audit_revision_details.details             ? 
# 
loop_
_pdbx_audit_revision_group.ordinal 
_pdbx_audit_revision_group.revision_ordinal 
_pdbx_audit_revision_group.data_content_type 
_pdbx_audit_revision_group.group 
1 2 'Structure model' 'Version format compliance' 
2 3 'Structure model' 'Version format compliance' 
3 4 'Structure model' 'Data collection'           
4 5 'Structure model' 'Data collection'           
5 5 'Structure model' 'Database references'       
6 5 'Structure model' 'Derived calculations'      
# 
loop_
_pdbx_audit_revision_category.ordinal 
_pdbx_audit_revision_category.revision_ordinal 
_pdbx_audit_revision_category.data_content_type 
_pdbx_audit_revision_category.category 
1 4 'Structure model' diffrn_source          
2 5 'Structure model' chem_comp_atom         
3 5 'Structure model' chem_comp_bond         
4 5 'Structure model' database_2             
5 5 'Structure model' pdbx_struct_conn_angle 
6 5 'Structure model' struct_conn            
7 5 'Structure model' struct_site            
# 
loop_
_pdbx_audit_revision_item.ordinal 
_pdbx_audit_revision_item.revision_ordinal 
_pdbx_audit_revision_item.data_content_type 
_pdbx_audit_revision_item.item 
1  4 'Structure model' '_diffrn_source.source'                       
2  5 'Structure model' '_database_2.pdbx_DOI'                        
3  5 'Structure model' '_database_2.pdbx_database_accession'         
4  5 'Structure model' '_pdbx_struct_conn_angle.ptnr1_auth_asym_id'  
5  5 'Structure model' '_pdbx_struct_conn_angle.ptnr1_auth_comp_id'  
6  5 'Structure model' '_pdbx_struct_conn_angle.ptnr1_auth_seq_id'   
7  5 'Structure model' '_pdbx_struct_conn_angle.ptnr1_label_asym_id' 
8  5 'Structure model' '_pdbx_struct_conn_angle.ptnr1_label_atom_id' 
9  5 'Structure model' '_pdbx_struct_conn_angle.ptnr1_label_comp_id' 
10 5 'Structure model' '_pdbx_struct_conn_angle.ptnr1_label_seq_id'  
11 5 'Structure model' '_pdbx_struct_conn_angle.ptnr1_symmetry'      
12 5 'Structure model' '_pdbx_struct_conn_angle.ptnr2_auth_asym_id'  
13 5 'Structure model' '_pdbx_struct_conn_angle.ptnr2_auth_seq_id'   
14 5 'Structure model' '_pdbx_struct_conn_angle.ptnr2_label_asym_id' 
15 5 'Structure model' '_pdbx_struct_conn_angle.ptnr3_auth_asym_id'  
16 5 'Structure model' '_pdbx_struct_conn_angle.ptnr3_auth_comp_id'  
17 5 'Structure model' '_pdbx_struct_conn_angle.ptnr3_auth_seq_id'   
18 5 'Structure model' '_pdbx_struct_conn_angle.ptnr3_label_asym_id' 
19 5 'Structure model' '_pdbx_struct_conn_angle.ptnr3_label_atom_id' 
20 5 'Structure model' '_pdbx_struct_conn_angle.ptnr3_label_comp_id' 
21 5 'Structure model' '_pdbx_struct_conn_angle.ptnr3_label_seq_id'  
22 5 'Structure model' '_pdbx_struct_conn_angle.ptnr3_symmetry'      
23 5 'Structure model' '_pdbx_struct_conn_angle.value'               
24 5 'Structure model' '_struct_conn.pdbx_dist_value'                
25 5 'Structure model' '_struct_conn.ptnr1_auth_asym_id'             
26 5 'Structure model' '_struct_conn.ptnr1_auth_comp_id'             
27 5 'Structure model' '_struct_conn.ptnr1_auth_seq_id'              
28 5 'Structure model' '_struct_conn.ptnr1_label_asym_id'            
29 5 'Structure model' '_struct_conn.ptnr1_label_atom_id'            
30 5 'Structure model' '_struct_conn.ptnr1_label_comp_id'            
31 5 'Structure model' '_struct_conn.ptnr1_label_seq_id'             
32 5 'Structure model' '_struct_conn.ptnr1_symmetry'                 
33 5 'Structure model' '_struct_conn.ptnr2_auth_asym_id'             
34 5 'Structure model' '_struct_conn.ptnr2_auth_comp_id'             
35 5 'Structure model' '_struct_conn.ptnr2_auth_seq_id'              
36 5 'Structure model' '_struct_conn.ptnr2_label_asym_id'            
37 5 'Structure model' '_struct_conn.ptnr2_label_atom_id'            
38 5 'Structure model' '_struct_conn.ptnr2_label_comp_id'            
39 5 'Structure model' '_struct_conn.ptnr2_label_seq_id'             
40 5 'Structure model' '_struct_conn.ptnr2_symmetry'                 
41 5 'Structure model' '_struct_site.pdbx_auth_asym_id'              
42 5 'Structure model' '_struct_site.pdbx_auth_comp_id'              
43 5 'Structure model' '_struct_site.pdbx_auth_seq_id'               
# 
_pdbx_database_status.status_code                     REL 
_pdbx_database_status.entry_id                        443D 
_pdbx_database_status.recvd_initial_deposition_date   1999-01-14 
_pdbx_database_status.deposit_site                    NDB 
_pdbx_database_status.process_site                    NDB 
_pdbx_database_status.status_code_sf                  REL 
_pdbx_database_status.SG_entry                        . 
_pdbx_database_status.pdb_format_compatible           Y 
_pdbx_database_status.status_code_mr                  ? 
_pdbx_database_status.status_code_cs                  ? 
_pdbx_database_status.methods_development_category    ? 
_pdbx_database_status.status_code_nmr_data            ? 
# 
loop_
_audit_author.name 
_audit_author.pdbx_ordinal 
'Squire, C.J.' 1 
'Baker, L.J.'  2 
'Clark, G.R.'  3 
'Martin, R.F.' 4 
'White, J.'    5 
# 
loop_
_citation.id 
_citation.title 
_citation.journal_abbrev 
_citation.journal_volume 
_citation.page_first 
_citation.page_last 
_citation.year 
_citation.journal_id_ASTM 
_citation.country 
_citation.journal_id_ISSN 
_citation.journal_id_CSD 
_citation.book_publisher 
_citation.pdbx_database_id_PubMed 
_citation.pdbx_database_id_DOI 
primary 
;Structures of m-iodo Hoechst-DNA complexes in crystals with reduced solvent content: implications for minor groove binder drug design.
;
'Nucleic Acids Res.' 28 1252 1258 2000 NARHAD UK 0305-1048 0389 ? 10666470 10.1093/nar/28.5.1252 
1       'Intermolecular interactions and water structure in a condensed phase B-DNA crystal' 'Nucleic Acids Res.' 28 1259 1265 
2000 NARHAD UK 0305-1048 0389 ? ?        10.1093/nar/28.5.1259 
# 
loop_
_citation_author.citation_id 
_citation_author.name 
_citation_author.ordinal 
_citation_author.identifier_ORCID 
primary 'Squire, C.J.' 1  ? 
primary 'Baker, L.J.'  2  ? 
primary 'Clark, G.R.'  3  ? 
primary 'Martin, R.F.' 4  ? 
primary 'White, J.'    5  ? 
1       'Clark, G.R.'  6  ? 
1       'Squire, C.J.' 7  ? 
1       'Baker, L.J.'  8  ? 
1       'Martin, R.F.' 9  ? 
1       'White, J.'    10 ? 
# 
loop_
_entity.id 
_entity.type 
_entity.src_method 
_entity.pdbx_description 
_entity.formula_weight 
_entity.pdbx_number_of_molecules 
_entity.pdbx_ec 
_entity.pdbx_mutation 
_entity.pdbx_fragment 
_entity.details 
1 polymer     syn 
;DNA (5'-D(*CP*GP*CP*GP*AP*AP*TP*TP*CP*GP*CP*G)-3')
;
3663.392 2  ? ? ? ? 
2 non-polymer syn "2'-(3-IODOPHENYL)-5-(4-METHYL-1-PIPERAZINYL)-2,5'-BI-BENZIMIDAZOLE" 535.403  1  ? ? ? ? 
3 non-polymer syn 'MAGNESIUM ION'                                                      24.305   2  ? ? ? ? 
4 water       nat water                                                                18.015   44 ? ? ? ? 
# 
_entity_poly.entity_id                      1 
_entity_poly.type                           polydeoxyribonucleotide 
_entity_poly.nstd_linkage                   no 
_entity_poly.nstd_monomer                   no 
_entity_poly.pdbx_seq_one_letter_code       '(DC)(DG)(DC)(DG)(DA)(DA)(DT)(DT)(DC)(DG)(DC)(DG)' 
_entity_poly.pdbx_seq_one_letter_code_can   CGCGAATTCGCG 
_entity_poly.pdbx_strand_id                 A,B 
_entity_poly.pdbx_target_identifier         ? 
# 
loop_
_pdbx_entity_nonpoly.entity_id 
_pdbx_entity_nonpoly.name 
_pdbx_entity_nonpoly.comp_id 
2 "2'-(3-IODOPHENYL)-5-(4-METHYL-1-PIPERAZINYL)-2,5'-BI-BENZIMIDAZOLE" IA  
3 'MAGNESIUM ION'                                                      MG  
4 water                                                                HOH 
# 
loop_
_entity_poly_seq.entity_id 
_entity_poly_seq.num 
_entity_poly_seq.mon_id 
_entity_poly_seq.hetero 
1 1  DC n 
1 2  DG n 
1 3  DC n 
1 4  DG n 
1 5  DA n 
1 6  DA n 
1 7  DT n 
1 8  DT n 
1 9  DC n 
1 10 DG n 
1 11 DC n 
1 12 DG n 
# 
loop_
_chem_comp.id 
_chem_comp.type 
_chem_comp.mon_nstd_flag 
_chem_comp.name 
_chem_comp.pdbx_synonyms 
_chem_comp.formula 
_chem_comp.formula_weight 
DA  'DNA linking' y "2'-DEOXYADENOSINE-5'-MONOPHOSPHATE"                                 ? 'C10 H14 N5 O6 P' 331.222 
DC  'DNA linking' y "2'-DEOXYCYTIDINE-5'-MONOPHOSPHATE"                                  ? 'C9 H14 N3 O7 P'  307.197 
DG  'DNA linking' y "2'-DEOXYGUANOSINE-5'-MONOPHOSPHATE"                                 ? 'C10 H14 N5 O7 P' 347.221 
DT  'DNA linking' y "THYMIDINE-5'-MONOPHOSPHATE"                                         ? 'C10 H15 N2 O8 P' 322.208 
HOH non-polymer   . WATER                                                                ? 'H2 O'            18.015  
IA  non-polymer   . "2'-(3-IODOPHENYL)-5-(4-METHYL-1-PIPERAZINYL)-2,5'-BI-BENZIMIDAZOLE" ? 'C25 H24 I N6 1'  535.403 
MG  non-polymer   . 'MAGNESIUM ION'                                                      ? 'Mg 2'            24.305  
# 
loop_
_pdbx_poly_seq_scheme.asym_id 
_pdbx_poly_seq_scheme.entity_id 
_pdbx_poly_seq_scheme.seq_id 
_pdbx_poly_seq_scheme.mon_id 
_pdbx_poly_seq_scheme.ndb_seq_num 
_pdbx_poly_seq_scheme.pdb_seq_num 
_pdbx_poly_seq_scheme.auth_seq_num 
_pdbx_poly_seq_scheme.pdb_mon_id 
_pdbx_poly_seq_scheme.auth_mon_id 
_pdbx_poly_seq_scheme.pdb_strand_id 
_pdbx_poly_seq_scheme.pdb_ins_code 
_pdbx_poly_seq_scheme.hetero 
A 1 1  DC 1  1  1  DC CYT A . n 
A 1 2  DG 2  2  2  DG GUA A . n 
A 1 3  DC 3  3  3  DC CYT A . n 
A 1 4  DG 4  4  4  DG GUA A . n 
A 1 5  DA 5  5  5  DA ADE A . n 
A 1 6  DA 6  6  6  DA ADE A . n 
A 1 7  DT 7  7  7  DT THY A . n 
A 1 8  DT 8  8  8  DT THY A . n 
A 1 9  DC 9  9  9  DC CYT A . n 
A 1 10 DG 10 10 10 DG GUA A . n 
A 1 11 DC 11 11 11 DC CYT A . n 
A 1 12 DG 12 12 12 DG GUA A . n 
B 1 1  DC 1  13 13 DC CYT B . n 
B 1 2  DG 2  14 14 DG GUA B . n 
B 1 3  DC 3  15 15 DC CYT B . n 
B 1 4  DG 4  16 16 DG GUA B . n 
B 1 5  DA 5  17 17 DA ADE B . n 
B 1 6  DA 6  18 18 DA ADE B . n 
B 1 7  DT 7  19 19 DT THY B . n 
B 1 8  DT 8  20 20 DT THY B . n 
B 1 9  DC 9  21 21 DC CYT B . n 
B 1 10 DG 10 22 22 DG GUA B . n 
B 1 11 DC 11 23 23 DC CYT B . n 
B 1 12 DG 12 24 24 DG GUA B . n 
# 
loop_
_pdbx_nonpoly_scheme.asym_id 
_pdbx_nonpoly_scheme.entity_id 
_pdbx_nonpoly_scheme.mon_id 
_pdbx_nonpoly_scheme.ndb_seq_num 
_pdbx_nonpoly_scheme.pdb_seq_num 
_pdbx_nonpoly_scheme.auth_seq_num 
_pdbx_nonpoly_scheme.pdb_mon_id 
_pdbx_nonpoly_scheme.auth_mon_id 
_pdbx_nonpoly_scheme.pdb_strand_id 
_pdbx_nonpoly_scheme.pdb_ins_code 
C 2 IA  1  25 25 IA  IA  A . 
D 3 MG  1  26 26 MG  MG1 A . 
E 3 MG  1  27 27 MG  MG2 B . 
F 4 HOH 1  29 29 HOH H2O A . 
F 4 HOH 2  31 31 HOH H2O A . 
F 4 HOH 3  32 32 HOH H2O A . 
F 4 HOH 4  33 33 HOH H2O A . 
F 4 HOH 5  36 36 HOH H2O A . 
F 4 HOH 6  37 37 HOH H2O A . 
F 4 HOH 7  38 38 HOH H2O A . 
F 4 HOH 8  43 43 HOH H2O A . 
F 4 HOH 9  45 45 HOH H2O A . 
F 4 HOH 10 47 47 HOH H2O A . 
F 4 HOH 11 48 48 HOH H2O A . 
F 4 HOH 12 49 49 HOH H2O A . 
F 4 HOH 13 50 50 HOH H2O A . 
F 4 HOH 14 51 51 HOH H2O A . 
F 4 HOH 15 53 53 HOH H2O A . 
F 4 HOH 16 54 54 HOH H2O A . 
F 4 HOH 17 58 58 HOH H2O A . 
F 4 HOH 18 59 59 HOH H2O A . 
F 4 HOH 19 64 64 HOH H2O A . 
F 4 HOH 20 65 65 HOH H2O A . 
F 4 HOH 21 68 26 HOH MG1 A . 
F 4 HOH 22 69 26 HOH MG1 A . 
F 4 HOH 23 70 26 HOH MG1 A . 
F 4 HOH 24 71 26 HOH MG1 A . 
G 4 HOH 1  28 28 HOH H2O B . 
G 4 HOH 2  30 30 HOH H2O B . 
G 4 HOH 3  34 34 HOH H2O B . 
G 4 HOH 4  35 35 HOH H2O B . 
G 4 HOH 5  39 39 HOH H2O B . 
G 4 HOH 6  40 40 HOH H2O B . 
G 4 HOH 7  41 41 HOH H2O B . 
G 4 HOH 8  42 42 HOH H2O B . 
G 4 HOH 9  44 44 HOH H2O B . 
G 4 HOH 10 46 46 HOH H2O B . 
G 4 HOH 11 52 52 HOH H2O B . 
G 4 HOH 12 55 55 HOH H2O B . 
G 4 HOH 13 56 56 HOH H2O B . 
G 4 HOH 14 57 57 HOH H2O B . 
G 4 HOH 15 60 60 HOH H2O B . 
G 4 HOH 16 61 61 HOH H2O B . 
G 4 HOH 17 62 62 HOH H2O B . 
G 4 HOH 18 63 63 HOH H2O B . 
G 4 HOH 19 66 66 HOH H2O B . 
G 4 HOH 20 67 67 HOH H2O B . 
# 
loop_
_software.name 
_software.classification 
_software.version 
_software.citation_id 
_software.pdbx_ordinal 
X-PLOR    'model building' . ? 1 
SHELXL-97 refinement       . ? 2 
SAINT     'data reduction' . ? 3 
SAINT     'data scaling'   . ? 4 
SADABS    'data scaling'   . ? 5 
X-PLOR    phasing          . ? 6 
# 
_cell.entry_id           443D 
_cell.length_a           24.913 
_cell.length_b           34.153 
_cell.length_c           61.296 
_cell.angle_alpha        90.00 
_cell.angle_beta         90.00 
_cell.angle_gamma        90.00 
_cell.Z_PDB              8 
_cell.pdbx_unique_axis   ? 
# 
_symmetry.entry_id                         443D 
_symmetry.space_group_name_H-M             'P 21 21 21' 
_symmetry.pdbx_full_space_group_name_H-M   ? 
_symmetry.cell_setting                     orthorhombic 
_symmetry.Int_Tables_number                19 
# 
_exptl.entry_id          443D 
_exptl.method            'X-RAY DIFFRACTION' 
_exptl.crystals_number   1 
# 
_exptl_crystal.id                    1 
_exptl_crystal.density_meas          ? 
_exptl_crystal.density_percent_sol   30.88 
_exptl_crystal.density_Matthews      1.78 
_exptl_crystal.description           ? 
# 
_exptl_crystal_grow.crystal_id      1 
_exptl_crystal_grow.method          'VAPOR DIFFUSION, HANGING DROP' 
_exptl_crystal_grow.temp            293 
_exptl_crystal_grow.temp_details    ? 
_exptl_crystal_grow.pH              7.0 
_exptl_crystal_grow.pdbx_details    'pH 7.0, VAPOR DIFFUSION, HANGING DROP, temperature 293K' 
_exptl_crystal_grow.pdbx_pH_range   ? 
# 
loop_
_exptl_crystal_grow_comp.crystal_id 
_exptl_crystal_grow_comp.id 
_exptl_crystal_grow_comp.sol_id 
_exptl_crystal_grow_comp.name 
_exptl_crystal_grow_comp.volume 
_exptl_crystal_grow_comp.conc 
_exptl_crystal_grow_comp.details 
1 1 1 MGCL2               ? ? ? 
1 2 1 SPERMINE            ? ? ? 
1 3 1 MPD                 ? ? ? 
1 4 1 METHANOL            ? ? ? 
1 5 1 'SODIUM CACODYLATE' ? ? ? 
1 6 2 MPD                 ? ? ? 
# 
_diffrn.id                     1 
_diffrn.ambient_temp           293 
_diffrn.ambient_temp_details   ? 
_diffrn.crystal_id             1 
# 
_diffrn_detector.diffrn_id              1 
_diffrn_detector.detector               CCD 
_diffrn_detector.type                   'BRUKER SMART' 
_diffrn_detector.pdbx_collection_date   1997-12-28 
_diffrn_detector.details                ? 
# 
_diffrn_radiation.diffrn_id                        1 
_diffrn_radiation.wavelength_id                    1 
_diffrn_radiation.pdbx_monochromatic_or_laue_m_l   M 
_diffrn_radiation.monochromator                    GRAPHITE 
_diffrn_radiation.pdbx_diffrn_protocol             'SINGLE WAVELENGTH' 
_diffrn_radiation.pdbx_scattering_type             x-ray 
# 
_diffrn_radiation_wavelength.id           1 
_diffrn_radiation_wavelength.wavelength   0.7107 
_diffrn_radiation_wavelength.wt           1.0 
# 
_diffrn_source.diffrn_id                   1 
_diffrn_source.source                      'ROTATING ANODE' 
_diffrn_source.type                        SIEMENS 
_diffrn_source.pdbx_synchrotron_site       ? 
_diffrn_source.pdbx_synchrotron_beamline   ? 
_diffrn_source.pdbx_wavelength             0.7107 
_diffrn_source.pdbx_wavelength_list        ? 
# 
_reflns.entry_id                     443D 
_reflns.observed_criterion_sigma_I   ? 
_reflns.observed_criterion_sigma_F   0.0 
_reflns.d_resolution_low             ? 
_reflns.d_resolution_high            1.6 
_reflns.number_obs                   7321 
_reflns.number_all                   7321 
_reflns.percent_possible_obs         99.3 
_reflns.pdbx_Rmerge_I_obs            0.0920000 
_reflns.pdbx_Rsym_value              ? 
_reflns.pdbx_netI_over_sigmaI        ? 
_reflns.B_iso_Wilson_estimate        ? 
_reflns.pdbx_redundancy              5.02 
_reflns.R_free_details               ? 
_reflns.pdbx_diffrn_id               1 
_reflns.pdbx_ordinal                 1 
# 
_reflns_shell.d_res_high             1.600 
_reflns_shell.d_res_low              1.657 
_reflns_shell.percent_possible_all   ? 
_reflns_shell.Rmerge_I_obs           0.4590000 
_reflns_shell.pdbx_Rsym_value        ? 
_reflns_shell.meanI_over_sigI_obs    ? 
_reflns_shell.pdbx_redundancy        ? 
_reflns_shell.percent_possible_obs   ? 
_reflns_shell.number_unique_all      ? 
_reflns_shell.pdbx_diffrn_id         ? 
_reflns_shell.pdbx_ordinal           1 
# 
_refine.entry_id                                 443D 
_refine.ls_number_reflns_obs                     9194 
_refine.ls_number_reflns_all                     13135 
_refine.pdbx_ls_sigma_I                          ? 
_refine.pdbx_ls_sigma_F                          4.0 
_refine.pdbx_data_cutoff_high_absF               ? 
_refine.pdbx_data_cutoff_low_absF                ? 
_refine.pdbx_data_cutoff_high_rms_absF           ? 
_refine.ls_d_res_low                             8.0 
_refine.ls_d_res_high                            1.6 
_refine.ls_percent_reflns_obs                    ? 
_refine.ls_R_factor_obs                          0.1580000 
_refine.ls_R_factor_all                          ? 
_refine.ls_R_factor_R_work                       ? 
_refine.ls_R_factor_R_free                       ? 
_refine.ls_R_factor_R_free_error                 ? 
_refine.ls_R_factor_R_free_error_details         ? 
_refine.ls_percent_reflns_R_free                 ? 
_refine.ls_number_reflns_R_free                  ? 
_refine.ls_number_parameters                     ? 
_refine.ls_number_restraints                     ? 
_refine.occupancy_min                            ? 
_refine.occupancy_max                            ? 
_refine.B_iso_mean                               ? 
_refine.aniso_B[1][1]                            ? 
_refine.aniso_B[2][2]                            ? 
_refine.aniso_B[3][3]                            ? 
_refine.aniso_B[1][2]                            ? 
_refine.aniso_B[1][3]                            ? 
_refine.aniso_B[2][3]                            ? 
_refine.solvent_model_details                    ? 
_refine.solvent_model_param_ksol                 ? 
_refine.solvent_model_param_bsol                 ? 
_refine.pdbx_ls_cross_valid_method               THROUGHOUT 
_refine.details                                  ? 
_refine.pdbx_starting_model                      ? 
_refine.pdbx_method_to_determine_struct          ? 
_refine.pdbx_isotropic_thermal_model             ? 
_refine.pdbx_stereochemistry_target_values       ? 
_refine.pdbx_stereochem_target_val_spec_case     ? 
_refine.pdbx_R_Free_selection_details            RANDOM 
_refine.pdbx_overall_ESU_R                       ? 
_refine.pdbx_overall_ESU_R_Free                  ? 
_refine.overall_SU_ML                            ? 
_refine.overall_SU_B                             ? 
_refine.ls_redundancy_reflns_obs                 ? 
_refine.correlation_coeff_Fo_to_Fc               ? 
_refine.correlation_coeff_Fo_to_Fc_free          ? 
_refine.overall_SU_R_Cruickshank_DPI             ? 
_refine.overall_SU_R_free                        ? 
_refine.pdbx_refine_id                           'X-RAY DIFFRACTION' 
_refine.pdbx_diffrn_id                           1 
_refine.pdbx_TLS_residual_ADP_flag               ? 
_refine.pdbx_solvent_vdw_probe_radii             ? 
_refine.pdbx_solvent_ion_probe_radii             ? 
_refine.pdbx_solvent_shrinkage_radii             ? 
_refine.pdbx_overall_phase_error                 ? 
_refine.pdbx_overall_SU_R_free_Cruickshank_DPI   ? 
_refine.pdbx_overall_SU_R_Blow_DPI               ? 
_refine.pdbx_overall_SU_R_free_Blow_DPI          ? 
# 
_refine_hist.pdbx_refine_id                   'X-RAY DIFFRACTION' 
_refine_hist.cycle_id                         LAST 
_refine_hist.pdbx_number_atoms_protein        0 
_refine_hist.pdbx_number_atoms_nucleic_acid   486 
_refine_hist.pdbx_number_atoms_ligand         38 
_refine_hist.number_atoms_solvent             40 
_refine_hist.number_atoms_total               564 
_refine_hist.d_res_high                       1.6 
_refine_hist.d_res_low                        8.0 
# 
loop_
_refine_ls_restr.type 
_refine_ls_restr.dev_ideal 
_refine_ls_restr.dev_ideal_target 
_refine_ls_restr.weight 
_refine_ls_restr.number 
_refine_ls_restr.pdbx_refine_id 
_refine_ls_restr.pdbx_restraint_function 
s_bond_d               0.009 ? ? ? 'X-RAY DIFFRACTION' ? 
s_angle_d              0.021 ? ? ? 'X-RAY DIFFRACTION' ? 
s_similar_dist         ?     ? ? ? 'X-RAY DIFFRACTION' ? 
s_from_restr_planes    ?     ? ? ? 'X-RAY DIFFRACTION' ? 
s_zero_chiral_vol      ?     ? ? ? 'X-RAY DIFFRACTION' ? 
s_non_zero_chiral_vol  ?     ? ? ? 'X-RAY DIFFRACTION' ? 
s_anti_bump_dis_restr  ?     ? ? ? 'X-RAY DIFFRACTION' ? 
s_rigid_bond_adp_cmpnt ?     ? ? ? 'X-RAY DIFFRACTION' ? 
s_similar_adp_cmpnt    ?     ? ? ? 'X-RAY DIFFRACTION' ? 
s_approx_iso_adps      ?     ? ? ? 'X-RAY DIFFRACTION' ? 
# 
_pdbx_refine.entry_id                                    443D 
_pdbx_refine.R_factor_all_no_cutoff                      ? 
_pdbx_refine.R_factor_obs_no_cutoff                      ? 
_pdbx_refine.free_R_factor_no_cutoff                     ? 
_pdbx_refine.free_R_val_test_set_size_perc_no_cutoff     ? 
_pdbx_refine.free_R_val_test_set_ct_no_cutoff            ? 
_pdbx_refine.R_factor_all_4sig_cutoff                    ? 
_pdbx_refine.R_factor_obs_4sig_cutoff                    0.1580000 
_pdbx_refine.free_R_factor_4sig_cutoff                   0.1870000 
_pdbx_refine.free_R_val_test_set_size_perc_4sig_cutoff   10.0 
_pdbx_refine.free_R_val_test_set_ct_4sig_cutoff          925 
_pdbx_refine.number_reflns_obs_4sig_cutoff               9194 
_pdbx_refine.number_reflns_obs_no_cutoff                 ? 
_pdbx_refine.pdbx_refine_id                              'X-RAY DIFFRACTION' 
_pdbx_refine.free_R_error_no_cutoff                      ? 
# 
_struct.entry_id                  443D 
_struct.title                     
;5'-D(*CP*GP*CP*GP*AP*AP*TP*TP*CP*GP*CP*G)-3'/ BENZIMIDAZOLE DERIVATIVE COMPLEX
;
_struct.pdbx_model_details        ? 
_struct.pdbx_CASP_flag            ? 
_struct.pdbx_model_type_details   ? 
# 
_struct_keywords.entry_id        443D 
_struct_keywords.pdbx_keywords   DNA 
_struct_keywords.text            'B-DNA, MINOR GROOVE BINDING, DNA' 
# 
loop_
_struct_asym.id 
_struct_asym.pdbx_blank_PDB_chainid_flag 
_struct_asym.pdbx_modified 
_struct_asym.entity_id 
_struct_asym.details 
A N N 1 ? 
B N N 1 ? 
C N N 2 ? 
D N N 3 ? 
E N N 3 ? 
F N N 4 ? 
G N N 4 ? 
# 
_struct_ref.id                         1 
_struct_ref.entity_id                  1 
_struct_ref.db_name                    PDB 
_struct_ref.db_code                    443D 
_struct_ref.pdbx_db_accession          443D 
_struct_ref.pdbx_db_isoform            ? 
_struct_ref.pdbx_seq_one_letter_code   ? 
_struct_ref.pdbx_align_begin           ? 
# 
loop_
_struct_ref_seq.align_id 
_struct_ref_seq.ref_id 
_struct_ref_seq.pdbx_PDB_id_code 
_struct_ref_seq.pdbx_strand_id 
_struct_ref_seq.seq_align_beg 
_struct_ref_seq.pdbx_seq_align_beg_ins_code 
_struct_ref_seq.seq_align_end 
_struct_ref_seq.pdbx_seq_align_end_ins_code 
_struct_ref_seq.pdbx_db_accession 
_struct_ref_seq.db_align_beg 
_struct_ref_seq.pdbx_db_align_beg_ins_code 
_struct_ref_seq.db_align_end 
_struct_ref_seq.pdbx_db_align_end_ins_code 
_struct_ref_seq.pdbx_auth_seq_align_beg 
_struct_ref_seq.pdbx_auth_seq_align_end 
1 1 443D A 1 ? 12 ? 443D 1  ? 12 ? 1  12 
2 1 443D B 1 ? 12 ? 443D 13 ? 24 ? 13 24 
# 
_pdbx_struct_assembly.id                   1 
_pdbx_struct_assembly.details              author_defined_assembly 
_pdbx_struct_assembly.method_details       ? 
_pdbx_struct_assembly.oligomeric_details   dimeric 
_pdbx_struct_assembly.oligomeric_count     2 
# 
_pdbx_struct_assembly_gen.assembly_id       1 
_pdbx_struct_assembly_gen.oper_expression   1 
_pdbx_struct_assembly_gen.asym_id_list      A,B,C,D,E,F,G 
# 
_pdbx_struct_oper_list.id                   1 
_pdbx_struct_oper_list.type                 'identity operation' 
_pdbx_struct_oper_list.name                 1_555 
_pdbx_struct_oper_list.symmetry_operation   x,y,z 
_pdbx_struct_oper_list.matrix[1][1]         1.0000000000 
_pdbx_struct_oper_list.matrix[1][2]         0.0000000000 
_pdbx_struct_oper_list.matrix[1][3]         0.0000000000 
_pdbx_struct_oper_list.vector[1]            0.0000000000 
_pdbx_struct_oper_list.matrix[2][1]         0.0000000000 
_pdbx_struct_oper_list.matrix[2][2]         1.0000000000 
_pdbx_struct_oper_list.matrix[2][3]         0.0000000000 
_pdbx_struct_oper_list.vector[2]            0.0000000000 
_pdbx_struct_oper_list.matrix[3][1]         0.0000000000 
_pdbx_struct_oper_list.matrix[3][2]         0.0000000000 
_pdbx_struct_oper_list.matrix[3][3]         1.0000000000 
_pdbx_struct_oper_list.vector[3]            0.0000000000 
# 
_struct_biol.id                    1 
_struct_biol.pdbx_parent_biol_id   ? 
_struct_biol.details               ? 
# 
loop_
_struct_conn.id 
_struct_conn.conn_type_id 
_struct_conn.pdbx_leaving_atom_flag 
_struct_conn.pdbx_PDB_id 
_struct_conn.ptnr1_label_asym_id 
_struct_conn.ptnr1_label_comp_id 
_struct_conn.ptnr1_label_seq_id 
_struct_conn.ptnr1_label_atom_id 
_struct_conn.pdbx_ptnr1_label_alt_id 
_struct_conn.pdbx_ptnr1_PDB_ins_code 
_struct_conn.pdbx_ptnr1_standard_comp_id 
_struct_conn.ptnr1_symmetry 
_struct_conn.ptnr2_label_asym_id 
_struct_conn.ptnr2_label_comp_id 
_struct_conn.ptnr2_label_seq_id 
_struct_conn.ptnr2_label_atom_id 
_struct_conn.pdbx_ptnr2_label_alt_id 
_struct_conn.pdbx_ptnr2_PDB_ins_code 
_struct_conn.ptnr1_auth_asym_id 
_struct_conn.ptnr1_auth_comp_id 
_struct_conn.ptnr1_auth_seq_id 
_struct_conn.ptnr2_auth_asym_id 
_struct_conn.ptnr2_auth_comp_id 
_struct_conn.ptnr2_auth_seq_id 
_struct_conn.ptnr2_symmetry 
_struct_conn.pdbx_ptnr3_label_atom_id 
_struct_conn.pdbx_ptnr3_label_seq_id 
_struct_conn.pdbx_ptnr3_label_comp_id 
_struct_conn.pdbx_ptnr3_label_asym_id 
_struct_conn.pdbx_ptnr3_label_alt_id 
_struct_conn.pdbx_ptnr3_PDB_ins_code 
_struct_conn.details 
_struct_conn.pdbx_dist_value 
_struct_conn.pdbx_value_order 
_struct_conn.pdbx_role 
metalc1  metalc ? ? A DG 10 OP2 ? ? ? 2_654 E MG  .  MG  ? ? A DG 10 B MG  27 1_555 ? ? ? ? ? ? ?            2.777 ? ? 
metalc2  metalc ? ? A DG 12 OP1 ? ? ? 1_555 D MG  .  MG  ? ? A DG 12 A MG  26 1_555 ? ? ? ? ? ? ?            2.150 ? ? 
metalc3  metalc ? ? D MG .  MG  ? ? ? 1_555 F HOH .  O   ? ? A MG 26 A HOH 68 1_555 ? ? ? ? ? ? ?            2.050 ? ? 
metalc4  metalc ? ? D MG .  MG  ? ? ? 1_555 F HOH .  O   ? ? A MG 26 A HOH 69 1_555 ? ? ? ? ? ? ?            2.022 ? ? 
metalc5  metalc ? ? D MG .  MG  ? ? ? 1_555 F HOH .  O   ? ? A MG 26 A HOH 70 1_555 ? ? ? ? ? ? ?            2.228 ? ? 
metalc6  metalc ? ? D MG .  MG  ? ? ? 1_555 F HOH .  O   ? ? A MG 26 A HOH 71 1_555 ? ? ? ? ? ? ?            2.085 ? ? 
metalc7  metalc ? ? D MG .  MG  ? ? ? 1_555 B DT  8  OP1 ? ? A MG 26 B DT  20 4_456 ? ? ? ? ? ? ?            2.013 ? ? 
metalc8  metalc ? ? B DT 7  OP1 ? ? ? 3_645 E MG  .  MG  ? ? B DT 19 B MG  27 1_555 ? ? ? ? ? ? ?            2.647 ? ? 
metalc9  metalc ? ? B DC 11 OP1 ? ? ? 1_555 E MG  .  MG  ? ? B DC 23 B MG  27 1_555 ? ? ? ? ? ? ?            2.472 ? ? 
hydrog1  hydrog ? ? A DC 1  N3  ? ? ? 1_555 B DG  12 N1  ? ? A DC 1  B DG  24 1_555 ? ? ? ? ? ? WATSON-CRICK ?     ? ? 
hydrog2  hydrog ? ? A DC 1  N4  ? ? ? 1_555 B DG  12 O6  ? ? A DC 1  B DG  24 1_555 ? ? ? ? ? ? WATSON-CRICK ?     ? ? 
hydrog3  hydrog ? ? A DC 1  O2  ? ? ? 1_555 B DG  12 N2  ? ? A DC 1  B DG  24 1_555 ? ? ? ? ? ? WATSON-CRICK ?     ? ? 
hydrog4  hydrog ? ? A DG 2  N1  ? ? ? 1_555 B DC  11 N3  ? ? A DG 2  B DC  23 1_555 ? ? ? ? ? ? WATSON-CRICK ?     ? ? 
hydrog5  hydrog ? ? A DG 2  N2  ? ? ? 1_555 B DC  11 O2  ? ? A DG 2  B DC  23 1_555 ? ? ? ? ? ? WATSON-CRICK ?     ? ? 
hydrog6  hydrog ? ? A DG 2  O6  ? ? ? 1_555 B DC  11 N4  ? ? A DG 2  B DC  23 1_555 ? ? ? ? ? ? WATSON-CRICK ?     ? ? 
hydrog7  hydrog ? ? A DC 3  N3  ? ? ? 1_555 B DG  10 N1  ? ? A DC 3  B DG  22 1_555 ? ? ? ? ? ? WATSON-CRICK ?     ? ? 
hydrog8  hydrog ? ? A DC 3  N4  ? ? ? 1_555 B DG  10 O6  ? ? A DC 3  B DG  22 1_555 ? ? ? ? ? ? WATSON-CRICK ?     ? ? 
hydrog9  hydrog ? ? A DC 3  O2  ? ? ? 1_555 B DG  10 N2  ? ? A DC 3  B DG  22 1_555 ? ? ? ? ? ? WATSON-CRICK ?     ? ? 
hydrog10 hydrog ? ? A DG 4  N1  ? ? ? 1_555 B DC  9  N3  ? ? A DG 4  B DC  21 1_555 ? ? ? ? ? ? WATSON-CRICK ?     ? ? 
hydrog11 hydrog ? ? A DG 4  N2  ? ? ? 1_555 B DC  9  O2  ? ? A DG 4  B DC  21 1_555 ? ? ? ? ? ? WATSON-CRICK ?     ? ? 
hydrog12 hydrog ? ? A DG 4  O6  ? ? ? 1_555 B DC  9  N4  ? ? A DG 4  B DC  21 1_555 ? ? ? ? ? ? WATSON-CRICK ?     ? ? 
hydrog13 hydrog ? ? A DA 5  N1  ? ? ? 1_555 B DT  8  N3  ? ? A DA 5  B DT  20 1_555 ? ? ? ? ? ? WATSON-CRICK ?     ? ? 
hydrog14 hydrog ? ? A DA 5  N6  ? ? ? 1_555 B DT  8  O4  ? ? A DA 5  B DT  20 1_555 ? ? ? ? ? ? WATSON-CRICK ?     ? ? 
hydrog15 hydrog ? ? A DA 6  N1  ? ? ? 1_555 B DT  7  N3  ? ? A DA 6  B DT  19 1_555 ? ? ? ? ? ? WATSON-CRICK ?     ? ? 
hydrog16 hydrog ? ? A DA 6  N6  ? ? ? 1_555 B DT  7  O4  ? ? A DA 6  B DT  19 1_555 ? ? ? ? ? ? WATSON-CRICK ?     ? ? 
hydrog17 hydrog ? ? A DT 7  N3  ? ? ? 1_555 B DA  6  N1  ? ? A DT 7  B DA  18 1_555 ? ? ? ? ? ? WATSON-CRICK ?     ? ? 
hydrog18 hydrog ? ? A DT 7  O4  ? ? ? 1_555 B DA  6  N6  ? ? A DT 7  B DA  18 1_555 ? ? ? ? ? ? WATSON-CRICK ?     ? ? 
hydrog19 hydrog ? ? A DT 8  N3  ? ? ? 1_555 B DA  5  N1  ? ? A DT 8  B DA  17 1_555 ? ? ? ? ? ? WATSON-CRICK ?     ? ? 
hydrog20 hydrog ? ? A DT 8  O4  ? ? ? 1_555 B DA  5  N6  ? ? A DT 8  B DA  17 1_555 ? ? ? ? ? ? WATSON-CRICK ?     ? ? 
hydrog21 hydrog ? ? A DC 9  N3  ? ? ? 1_555 B DG  4  N1  ? ? A DC 9  B DG  16 1_555 ? ? ? ? ? ? WATSON-CRICK ?     ? ? 
hydrog22 hydrog ? ? A DC 9  N4  ? ? ? 1_555 B DG  4  O6  ? ? A DC 9  B DG  16 1_555 ? ? ? ? ? ? WATSON-CRICK ?     ? ? 
hydrog23 hydrog ? ? A DC 9  O2  ? ? ? 1_555 B DG  4  N2  ? ? A DC 9  B DG  16 1_555 ? ? ? ? ? ? WATSON-CRICK ?     ? ? 
hydrog24 hydrog ? ? A DG 10 N1  ? ? ? 1_555 B DC  3  N3  ? ? A DG 10 B DC  15 1_555 ? ? ? ? ? ? WATSON-CRICK ?     ? ? 
hydrog25 hydrog ? ? A DG 10 N2  ? ? ? 1_555 B DC  3  O2  ? ? A DG 10 B DC  15 1_555 ? ? ? ? ? ? WATSON-CRICK ?     ? ? 
hydrog26 hydrog ? ? A DG 10 O6  ? ? ? 1_555 B DC  3  N4  ? ? A DG 10 B DC  15 1_555 ? ? ? ? ? ? WATSON-CRICK ?     ? ? 
hydrog27 hydrog ? ? A DC 11 N3  ? ? ? 1_555 B DG  2  N1  ? ? A DC 11 B DG  14 1_555 ? ? ? ? ? ? WATSON-CRICK ?     ? ? 
hydrog28 hydrog ? ? A DC 11 N4  ? ? ? 1_555 B DG  2  O6  ? ? A DC 11 B DG  14 1_555 ? ? ? ? ? ? WATSON-CRICK ?     ? ? 
hydrog29 hydrog ? ? A DC 11 O2  ? ? ? 1_555 B DG  2  N2  ? ? A DC 11 B DG  14 1_555 ? ? ? ? ? ? WATSON-CRICK ?     ? ? 
hydrog30 hydrog ? ? A DG 12 N1  ? ? ? 1_555 B DC  1  N3  ? ? A DG 12 B DC  13 1_555 ? ? ? ? ? ? WATSON-CRICK ?     ? ? 
hydrog31 hydrog ? ? A DG 12 N2  ? ? ? 1_555 B DC  1  O2  ? ? A DG 12 B DC  13 1_555 ? ? ? ? ? ? WATSON-CRICK ?     ? ? 
hydrog32 hydrog ? ? A DG 12 O6  ? ? ? 1_555 B DC  1  N4  ? ? A DG 12 B DC  13 1_555 ? ? ? ? ? ? WATSON-CRICK ?     ? ? 
# 
loop_
_struct_conn_type.id 
_struct_conn_type.criteria 
_struct_conn_type.reference 
metalc ? ? 
hydrog ? ? 
# 
loop_
_pdbx_struct_conn_angle.id 
_pdbx_struct_conn_angle.ptnr1_label_atom_id 
_pdbx_struct_conn_angle.ptnr1_label_alt_id 
_pdbx_struct_conn_angle.ptnr1_label_asym_id 
_pdbx_struct_conn_angle.ptnr1_label_comp_id 
_pdbx_struct_conn_angle.ptnr1_label_seq_id 
_pdbx_struct_conn_angle.ptnr1_auth_atom_id 
_pdbx_struct_conn_angle.ptnr1_auth_asym_id 
_pdbx_struct_conn_angle.ptnr1_auth_comp_id 
_pdbx_struct_conn_angle.ptnr1_auth_seq_id 
_pdbx_struct_conn_angle.ptnr1_PDB_ins_code 
_pdbx_struct_conn_angle.ptnr1_symmetry 
_pdbx_struct_conn_angle.ptnr2_label_atom_id 
_pdbx_struct_conn_angle.ptnr2_label_alt_id 
_pdbx_struct_conn_angle.ptnr2_label_asym_id 
_pdbx_struct_conn_angle.ptnr2_label_comp_id 
_pdbx_struct_conn_angle.ptnr2_label_seq_id 
_pdbx_struct_conn_angle.ptnr2_auth_atom_id 
_pdbx_struct_conn_angle.ptnr2_auth_asym_id 
_pdbx_struct_conn_angle.ptnr2_auth_comp_id 
_pdbx_struct_conn_angle.ptnr2_auth_seq_id 
_pdbx_struct_conn_angle.ptnr2_PDB_ins_code 
_pdbx_struct_conn_angle.ptnr2_symmetry 
_pdbx_struct_conn_angle.ptnr3_label_atom_id 
_pdbx_struct_conn_angle.ptnr3_label_alt_id 
_pdbx_struct_conn_angle.ptnr3_label_asym_id 
_pdbx_struct_conn_angle.ptnr3_label_comp_id 
_pdbx_struct_conn_angle.ptnr3_label_seq_id 
_pdbx_struct_conn_angle.ptnr3_auth_atom_id 
_pdbx_struct_conn_angle.ptnr3_auth_asym_id 
_pdbx_struct_conn_angle.ptnr3_auth_comp_id 
_pdbx_struct_conn_angle.ptnr3_auth_seq_id 
_pdbx_struct_conn_angle.ptnr3_PDB_ins_code 
_pdbx_struct_conn_angle.ptnr3_symmetry 
_pdbx_struct_conn_angle.value 
_pdbx_struct_conn_angle.value_esd 
1  OP2 ? A DG  10 ? A DG  10 ? 2_654 MG ? E MG . ? B MG 27 ? 1_555 OP1 ? B DT  7  ? B DT  19 ? 3_645 101.2 ? 
2  OP2 ? A DG  10 ? A DG  10 ? 2_654 MG ? E MG . ? B MG 27 ? 1_555 OP1 ? B DC  11 ? B DC  23 ? 1_555 103.2 ? 
3  OP1 ? B DT  7  ? B DT  19 ? 3_645 MG ? E MG . ? B MG 27 ? 1_555 OP1 ? B DC  11 ? B DC  23 ? 1_555 107.9 ? 
4  OP1 ? A DG  12 ? A DG  12 ? 1_555 MG ? D MG . ? A MG 26 ? 1_555 O   ? F HOH .  ? A HOH 68 ? 1_555 89.9  ? 
5  OP1 ? A DG  12 ? A DG  12 ? 1_555 MG ? D MG . ? A MG 26 ? 1_555 O   ? F HOH .  ? A HOH 69 ? 1_555 89.4  ? 
6  O   ? F HOH .  ? A HOH 68 ? 1_555 MG ? D MG . ? A MG 26 ? 1_555 O   ? F HOH .  ? A HOH 69 ? 1_555 171.8 ? 
7  OP1 ? A DG  12 ? A DG  12 ? 1_555 MG ? D MG . ? A MG 26 ? 1_555 O   ? F HOH .  ? A HOH 70 ? 1_555 83.0  ? 
8  O   ? F HOH .  ? A HOH 68 ? 1_555 MG ? D MG . ? A MG 26 ? 1_555 O   ? F HOH .  ? A HOH 70 ? 1_555 91.0  ? 
9  O   ? F HOH .  ? A HOH 69 ? 1_555 MG ? D MG . ? A MG 26 ? 1_555 O   ? F HOH .  ? A HOH 70 ? 1_555 97.0  ? 
10 OP1 ? A DG  12 ? A DG  12 ? 1_555 MG ? D MG . ? A MG 26 ? 1_555 O   ? F HOH .  ? A HOH 71 ? 1_555 101.3 ? 
11 O   ? F HOH .  ? A HOH 68 ? 1_555 MG ? D MG . ? A MG 26 ? 1_555 O   ? F HOH .  ? A HOH 71 ? 1_555 85.4  ? 
12 O   ? F HOH .  ? A HOH 69 ? 1_555 MG ? D MG . ? A MG 26 ? 1_555 O   ? F HOH .  ? A HOH 71 ? 1_555 86.8  ? 
13 O   ? F HOH .  ? A HOH 70 ? 1_555 MG ? D MG . ? A MG 26 ? 1_555 O   ? F HOH .  ? A HOH 71 ? 1_555 174.3 ? 
14 OP1 ? A DG  12 ? A DG  12 ? 1_555 MG ? D MG . ? A MG 26 ? 1_555 OP1 ? B DT  8  ? B DT  20 ? 4_456 158.4 ? 
15 O   ? F HOH .  ? A HOH 68 ? 1_555 MG ? D MG . ? A MG 26 ? 1_555 OP1 ? B DT  8  ? B DT  20 ? 4_456 79.4  ? 
16 O   ? F HOH .  ? A HOH 69 ? 1_555 MG ? D MG . ? A MG 26 ? 1_555 OP1 ? B DT  8  ? B DT  20 ? 4_456 103.9 ? 
17 O   ? F HOH .  ? A HOH 70 ? 1_555 MG ? D MG . ? A MG 26 ? 1_555 OP1 ? B DT  8  ? B DT  20 ? 4_456 78.5  ? 
18 O   ? F HOH .  ? A HOH 71 ? 1_555 MG ? D MG . ? A MG 26 ? 1_555 OP1 ? B DT  8  ? B DT  20 ? 4_456 96.5  ? 
# 
loop_
_struct_site.id 
_struct_site.pdbx_evidence_code 
_struct_site.pdbx_auth_asym_id 
_struct_site.pdbx_auth_comp_id 
_struct_site.pdbx_auth_seq_id 
_struct_site.pdbx_auth_ins_code 
_struct_site.pdbx_num_residues 
_struct_site.details 
AC1 Software A IA 25 ? 10 'BINDING SITE FOR RESIDUE IA A 25' 
AC2 Software B MG 27 ? 3  'BINDING SITE FOR RESIDUE MG B 27' 
AC3 Software A MG 26 ? 6  'BINDING SITE FOR RESIDUE MG A 26' 
1   ?        ? ?  ?  ? ?  ?                                  
# 
loop_
_struct_site_gen.id 
_struct_site_gen.site_id 
_struct_site_gen.pdbx_num_res 
_struct_site_gen.label_comp_id 
_struct_site_gen.label_asym_id 
_struct_site_gen.label_seq_id 
_struct_site_gen.pdbx_auth_ins_code 
_struct_site_gen.auth_comp_id 
_struct_site_gen.auth_asym_id 
_struct_site_gen.auth_seq_id 
_struct_site_gen.label_atom_id 
_struct_site_gen.label_alt_id 
_struct_site_gen.symmetry 
_struct_site_gen.details 
1  AC1 10 DA  A 6  ? DA  A 6  . ? 1_555 ? 
2  AC1 10 DT  A 7  ? DT  A 7  . ? 1_555 ? 
3  AC1 10 DT  A 8  ? DT  A 8  . ? 1_555 ? 
4  AC1 10 DC  A 9  ? DC  A 9  . ? 1_555 ? 
5  AC1 10 DA  B 6  ? DA  B 18 . ? 1_555 ? 
6  AC1 10 DT  B 7  ? DT  B 19 . ? 1_555 ? 
7  AC1 10 DT  B 8  ? DT  B 20 . ? 1_555 ? 
8  AC1 10 DC  B 9  ? DC  B 21 . ? 1_555 ? 
9  AC1 10 DG  B 10 ? DG  B 22 . ? 1_555 ? 
10 AC1 10 HOH G .  ? HOH B 60 . ? 1_555 ? 
11 AC2 3  DG  A 10 ? DG  A 10 . ? 2_654 ? 
12 AC2 3  DT  B 7  ? DT  B 19 . ? 3_645 ? 
13 AC2 3  DC  B 11 ? DC  B 23 . ? 1_555 ? 
14 AC3 6  DG  A 12 ? DG  A 12 . ? 1_555 ? 
15 AC3 6  HOH F .  ? HOH A 68 . ? 1_555 ? 
16 AC3 6  HOH F .  ? HOH A 69 . ? 1_555 ? 
17 AC3 6  HOH F .  ? HOH A 70 . ? 1_555 ? 
18 AC3 6  HOH F .  ? HOH A 71 . ? 1_555 ? 
19 AC3 6  DT  B 8  ? DT  B 20 . ? 4_456 ? 
# 
loop_
_pdbx_validate_rmsd_bond.id 
_pdbx_validate_rmsd_bond.PDB_model_num 
_pdbx_validate_rmsd_bond.auth_atom_id_1 
_pdbx_validate_rmsd_bond.auth_asym_id_1 
_pdbx_validate_rmsd_bond.auth_comp_id_1 
_pdbx_validate_rmsd_bond.auth_seq_id_1 
_pdbx_validate_rmsd_bond.PDB_ins_code_1 
_pdbx_validate_rmsd_bond.label_alt_id_1 
_pdbx_validate_rmsd_bond.auth_atom_id_2 
_pdbx_validate_rmsd_bond.auth_asym_id_2 
_pdbx_validate_rmsd_bond.auth_comp_id_2 
_pdbx_validate_rmsd_bond.auth_seq_id_2 
_pdbx_validate_rmsd_bond.PDB_ins_code_2 
_pdbx_validate_rmsd_bond.label_alt_id_2 
_pdbx_validate_rmsd_bond.bond_value 
_pdbx_validate_rmsd_bond.bond_target_value 
_pdbx_validate_rmsd_bond.bond_deviation 
_pdbx_validate_rmsd_bond.bond_standard_deviation 
_pdbx_validate_rmsd_bond.linker_flag 
1  1 "C5'" A DC 1  ? ? "C4'" A DC 1  ? ? 1.567 1.512 0.055  0.007 N 
2  1 "C3'" A DC 1  ? ? "C2'" A DC 1  ? ? 1.465 1.516 -0.051 0.008 N 
3  1 P     A DG 2  ? ? "O5'" A DG 2  ? ? 1.700 1.593 0.107  0.010 N 
4  1 "C5'" A DG 2  ? ? "C4'" A DG 2  ? ? 1.559 1.512 0.047  0.007 N 
5  1 "C4'" A DG 2  ? ? "C3'" A DG 2  ? ? 1.457 1.521 -0.064 0.010 N 
6  1 "C5'" A DC 3  ? ? "C4'" A DC 3  ? ? 1.571 1.512 0.059  0.007 N 
7  1 "C4'" A DC 3  ? ? "C3'" A DC 3  ? ? 1.448 1.521 -0.073 0.010 N 
8  1 "C3'" A DC 3  ? ? "C2'" A DC 3  ? ? 1.445 1.516 -0.071 0.008 N 
9  1 P     A DG 4  ? ? "O5'" A DG 4  ? ? 1.668 1.593 0.075  0.010 N 
10 1 "C5'" A DG 4  ? ? "C4'" A DG 4  ? ? 1.565 1.512 0.053  0.007 N 
11 1 "C3'" A DG 4  ? ? "C2'" A DG 4  ? ? 1.454 1.516 -0.062 0.008 N 
12 1 P     A DA 5  ? ? "O5'" A DA 5  ? ? 1.677 1.593 0.084  0.010 N 
13 1 "C5'" A DA 5  ? ? "C4'" A DA 5  ? ? 1.566 1.512 0.054  0.007 N 
14 1 "C4'" A DA 5  ? ? "C3'" A DA 5  ? ? 1.447 1.521 -0.074 0.010 N 
15 1 "C3'" A DA 5  ? ? "C2'" A DA 5  ? ? 1.466 1.516 -0.050 0.008 N 
16 1 N1    A DA 5  ? ? C2    A DA 5  ? ? 1.460 1.339 0.121  0.009 N 
17 1 C2    A DA 5  ? ? N3    A DA 5  ? ? 1.452 1.331 0.121  0.009 N 
18 1 N3    A DA 5  ? ? C4    A DA 5  ? ? 1.412 1.344 0.068  0.006 N 
19 1 C4    A DA 5  ? ? C5    A DA 5  ? ? 1.339 1.383 -0.044 0.007 N 
20 1 C5    A DA 5  ? ? C6    A DA 5  ? ? 1.601 1.406 0.195  0.009 N 
21 1 C6    A DA 5  ? ? N1    A DA 5  ? ? 1.286 1.351 -0.065 0.007 N 
22 1 N9    A DA 5  ? ? C4    A DA 5  ? ? 1.298 1.374 -0.076 0.006 N 
23 1 C6    A DA 5  ? ? N6    A DA 5  ? ? 1.182 1.335 -0.153 0.008 N 
24 1 P     A DA 6  ? ? "O5'" A DA 6  ? ? 1.673 1.593 0.080  0.010 N 
25 1 "C5'" A DA 6  ? ? "C4'" A DA 6  ? ? 1.556 1.512 0.044  0.007 N 
26 1 "C4'" A DA 6  ? ? "C3'" A DA 6  ? ? 1.457 1.521 -0.064 0.010 N 
27 1 "C3'" A DA 6  ? ? "C2'" A DA 6  ? ? 1.462 1.516 -0.054 0.008 N 
28 1 N1    A DA 6  ? ? C2    A DA 6  ? ? 1.234 1.339 -0.105 0.009 N 
29 1 C2    A DA 6  ? ? N3    A DA 6  ? ? 1.424 1.331 0.093  0.009 N 
30 1 N3    A DA 6  ? ? C4    A DA 6  ? ? 1.393 1.344 0.049  0.006 N 
31 1 C4    A DA 6  ? ? C5    A DA 6  ? ? 1.243 1.383 -0.140 0.007 N 
32 1 C5    A DA 6  ? ? C6    A DA 6  ? ? 1.217 1.406 -0.189 0.009 N 
33 1 C5    A DA 6  ? ? N7    A DA 6  ? ? 1.440 1.388 0.052  0.006 N 
34 1 N9    A DA 6  ? ? C4    A DA 6  ? ? 1.444 1.374 0.070  0.006 N 
35 1 C6    A DA 6  ? ? N6    A DA 6  ? ? 1.514 1.335 0.179  0.008 N 
36 1 P     A DT 7  ? ? "O5'" A DT 7  ? ? 1.659 1.593 0.066  0.010 N 
37 1 "C5'" A DT 7  ? ? "C4'" A DT 7  ? ? 1.568 1.512 0.056  0.007 N 
38 1 "O4'" A DT 7  ? ? "C1'" A DT 7  ? ? 1.504 1.420 0.084  0.011 N 
39 1 P     A DT 8  ? ? "O5'" A DT 8  ? ? 1.654 1.593 0.061  0.010 N 
40 1 "C5'" A DT 8  ? ? "C4'" A DT 8  ? ? 1.560 1.512 0.048  0.007 N 
41 1 "C4'" A DT 8  ? ? "C3'" A DT 8  ? ? 1.459 1.521 -0.062 0.010 N 
42 1 "C3'" A DT 8  ? ? "C2'" A DT 8  ? ? 1.455 1.516 -0.061 0.008 N 
43 1 P     A DC 9  ? ? "O5'" A DC 9  ? ? 1.698 1.593 0.105  0.010 N 
44 1 "C5'" A DC 9  ? ? "C4'" A DC 9  ? ? 1.562 1.512 0.050  0.007 N 
45 1 "C4'" A DC 9  ? ? "C3'" A DC 9  ? ? 1.434 1.521 -0.087 0.010 N 
46 1 P     A DG 10 ? ? "O5'" A DG 10 ? ? 1.670 1.593 0.077  0.010 N 
47 1 "C5'" A DG 10 ? ? "C4'" A DG 10 ? ? 1.569 1.512 0.057  0.007 N 
48 1 "C4'" A DG 10 ? ? "C3'" A DG 10 ? ? 1.449 1.521 -0.072 0.010 N 
49 1 "C3'" A DG 10 ? ? "C2'" A DG 10 ? ? 1.464 1.516 -0.052 0.008 N 
50 1 P     A DC 11 ? ? "O5'" A DC 11 ? ? 1.668 1.593 0.075  0.010 N 
51 1 "C5'" A DC 11 ? ? "C4'" A DC 11 ? ? 1.562 1.512 0.050  0.007 N 
52 1 "C4'" A DC 11 ? ? "C3'" A DC 11 ? ? 1.452 1.521 -0.069 0.010 N 
53 1 "C3'" A DC 11 ? ? "C2'" A DC 11 ? ? 1.464 1.516 -0.052 0.008 N 
54 1 P     A DG 12 ? ? "O5'" A DG 12 ? ? 1.666 1.593 0.073  0.010 N 
55 1 "C5'" A DG 12 ? ? "C4'" A DG 12 ? ? 1.570 1.512 0.058  0.007 N 
56 1 "C3'" A DG 12 ? ? "C2'" A DG 12 ? ? 1.465 1.516 -0.051 0.008 N 
57 1 "C4'" B DC 13 ? ? "C3'" B DC 13 ? ? 1.461 1.521 -0.060 0.010 N 
58 1 "C3'" B DC 13 ? ? "C2'" B DC 13 ? ? 1.467 1.516 -0.049 0.008 N 
59 1 P     B DG 14 ? ? "O5'" B DG 14 ? ? 1.667 1.593 0.074  0.010 N 
60 1 "C5'" B DG 14 ? ? "C4'" B DG 14 ? ? 1.569 1.512 0.057  0.007 N 
61 1 "C3'" B DG 14 ? ? "C2'" B DG 14 ? ? 1.466 1.516 -0.050 0.008 N 
62 1 P     B DC 15 ? ? "O5'" B DC 15 ? ? 1.660 1.593 0.067  0.010 N 
63 1 P     B DG 16 ? ? "O5'" B DG 16 ? ? 1.693 1.593 0.100  0.010 N 
64 1 "C5'" B DG 16 ? ? "C4'" B DG 16 ? ? 1.560 1.512 0.048  0.007 N 
65 1 "C4'" B DG 16 ? ? "C3'" B DG 16 ? ? 1.455 1.521 -0.066 0.010 N 
66 1 "C3'" B DG 16 ? ? "C2'" B DG 16 ? ? 1.462 1.516 -0.054 0.008 N 
67 1 "C5'" B DA 17 ? ? "C4'" B DA 17 ? ? 1.566 1.512 0.054  0.007 N 
68 1 "C4'" B DA 17 ? ? "C3'" B DA 17 ? ? 1.459 1.521 -0.062 0.010 N 
69 1 "C3'" B DA 17 ? ? "C2'" B DA 17 ? ? 1.457 1.516 -0.059 0.008 N 
70 1 P     B DA 18 ? ? "O5'" B DA 18 ? ? 1.676 1.593 0.083  0.010 N 
71 1 "C5'" B DA 18 ? ? "C4'" B DA 18 ? ? 1.564 1.512 0.052  0.007 N 
72 1 "C3'" B DA 18 ? ? "C2'" B DA 18 ? ? 1.461 1.516 -0.055 0.008 N 
73 1 P     B DT 19 ? ? "O5'" B DT 19 ? ? 1.657 1.593 0.064  0.010 N 
74 1 "C5'" B DT 19 ? ? "C4'" B DT 19 ? ? 1.564 1.512 0.052  0.007 N 
75 1 "C4'" B DT 19 ? ? "C3'" B DT 19 ? ? 1.458 1.521 -0.063 0.010 N 
76 1 "C3'" B DT 19 ? ? "C2'" B DT 19 ? ? 1.458 1.516 -0.058 0.008 N 
77 1 P     B DT 20 ? ? "O5'" B DT 20 ? ? 1.670 1.593 0.077  0.010 N 
78 1 "C5'" B DT 20 ? ? "C4'" B DT 20 ? ? 1.565 1.512 0.053  0.007 N 
79 1 "C4'" B DT 20 ? ? "C3'" B DT 20 ? ? 1.459 1.521 -0.062 0.010 N 
80 1 P     B DC 21 ? ? "O5'" B DC 21 ? ? 1.655 1.593 0.062  0.010 N 
81 1 "C5'" B DC 21 ? ? "C4'" B DC 21 ? ? 1.567 1.512 0.055  0.007 N 
82 1 P     B DG 22 ? ? "O5'" B DG 22 ? ? 1.681 1.593 0.088  0.010 N 
83 1 "C5'" B DG 22 ? ? "C4'" B DG 22 ? ? 1.576 1.512 0.064  0.007 N 
84 1 "C3'" B DG 22 ? ? "C2'" B DG 22 ? ? 1.463 1.516 -0.053 0.008 N 
85 1 P     B DC 23 ? ? "O5'" B DC 23 ? ? 1.670 1.593 0.077  0.010 N 
86 1 "C5'" B DC 23 ? ? "C4'" B DC 23 ? ? 1.570 1.512 0.058  0.007 N 
87 1 "C4'" B DC 23 ? ? "C3'" B DC 23 ? ? 1.447 1.521 -0.074 0.010 N 
88 1 "C3'" B DC 23 ? ? "C2'" B DC 23 ? ? 1.461 1.516 -0.055 0.008 N 
89 1 P     B DG 24 ? ? "O5'" B DG 24 ? ? 1.673 1.593 0.080  0.010 N 
90 1 "C5'" B DG 24 ? ? "C4'" B DG 24 ? ? 1.562 1.512 0.050  0.007 N 
91 1 "C4'" B DG 24 ? ? "C3'" B DG 24 ? ? 1.458 1.521 -0.063 0.010 N 
92 1 "C3'" B DG 24 ? ? "C2'" B DG 24 ? ? 1.462 1.516 -0.054 0.008 N 
# 
loop_
_pdbx_validate_rmsd_angle.id 
_pdbx_validate_rmsd_angle.PDB_model_num 
_pdbx_validate_rmsd_angle.auth_atom_id_1 
_pdbx_validate_rmsd_angle.auth_asym_id_1 
_pdbx_validate_rmsd_angle.auth_comp_id_1 
_pdbx_validate_rmsd_angle.auth_seq_id_1 
_pdbx_validate_rmsd_angle.PDB_ins_code_1 
_pdbx_validate_rmsd_angle.label_alt_id_1 
_pdbx_validate_rmsd_angle.auth_atom_id_2 
_pdbx_validate_rmsd_angle.auth_asym_id_2 
_pdbx_validate_rmsd_angle.auth_comp_id_2 
_pdbx_validate_rmsd_angle.auth_seq_id_2 
_pdbx_validate_rmsd_angle.PDB_ins_code_2 
_pdbx_validate_rmsd_angle.label_alt_id_2 
_pdbx_validate_rmsd_angle.auth_atom_id_3 
_pdbx_validate_rmsd_angle.auth_asym_id_3 
_pdbx_validate_rmsd_angle.auth_comp_id_3 
_pdbx_validate_rmsd_angle.auth_seq_id_3 
_pdbx_validate_rmsd_angle.PDB_ins_code_3 
_pdbx_validate_rmsd_angle.label_alt_id_3 
_pdbx_validate_rmsd_angle.angle_value 
_pdbx_validate_rmsd_angle.angle_target_value 
_pdbx_validate_rmsd_angle.angle_deviation 
_pdbx_validate_rmsd_angle.angle_standard_deviation 
_pdbx_validate_rmsd_angle.linker_flag 
1   1 "C4'" A DC 1  ? ? "C3'" A DC 1  ? ? "C2'" A DC 1  ? ? 108.78 103.10 5.68   0.90 N 
2   1 "O4'" A DC 1  ? ? "C1'" A DC 1  ? ? N1    A DC 1  ? ? 101.75 108.00 -6.25  0.70 N 
3   1 "O3'" A DC 1  ? ? P     A DG 2  ? ? "O5'" A DG 2  ? ? 90.57  104.00 -13.43 1.90 Y 
4   1 OP1   A DG 2  ? ? P     A DG 2  ? ? OP2   A DG 2  ? ? 133.22 119.60 13.62  1.50 N 
5   1 "O5'" A DG 2  ? ? "C5'" A DG 2  ? ? "C4'" A DG 2  ? ? 103.49 109.40 -5.91  0.80 N 
6   1 "C4'" A DG 2  ? ? "C3'" A DG 2  ? ? "C2'" A DG 2  ? ? 109.12 103.10 6.02   0.90 N 
7   1 N1    A DG 2  ? ? C6    A DG 2  ? ? O6    A DG 2  ? ? 124.12 119.90 4.22   0.60 N 
8   1 C5    A DG 2  ? ? C6    A DG 2  ? ? O6    A DG 2  ? ? 124.34 128.60 -4.26  0.60 N 
9   1 "O3'" A DG 2  ? ? P     A DC 3  ? ? "O5'" A DC 3  ? ? 90.00  104.00 -14.00 1.90 Y 
10  1 "O5'" A DC 3  ? ? "C5'" A DC 3  ? ? "C4'" A DC 3  ? ? 101.47 109.40 -7.93  0.80 N 
11  1 "O4'" A DC 3  ? ? "C1'" A DC 3  ? ? N1    A DC 3  ? ? 102.80 108.00 -5.20  0.70 N 
12  1 N1    A DC 3  ? ? C2    A DC 3  ? ? O2    A DC 3  ? ? 115.23 118.90 -3.67  0.60 N 
13  1 OP1   A DG 4  ? ? P     A DG 4  ? ? OP2   A DG 4  ? ? 132.70 119.60 13.10  1.50 N 
14  1 "C4'" A DG 4  ? ? "C3'" A DG 4  ? ? "C2'" A DG 4  ? ? 108.91 103.10 5.81   0.90 N 
15  1 OP1   A DA 5  ? ? P     A DA 5  ? ? OP2   A DA 5  ? ? 130.75 119.60 11.15  1.50 N 
16  1 "O5'" A DA 5  ? ? "C5'" A DA 5  ? ? "C4'" A DA 5  ? ? 103.01 109.40 -6.39  0.80 N 
17  1 P     A DA 5  ? ? "O5'" A DA 5  ? ? "C5'" A DA 5  ? ? 108.30 120.90 -12.60 1.60 N 
18  1 "C4'" A DA 5  ? ? "C3'" A DA 5  ? ? "C2'" A DA 5  ? ? 109.96 103.10 6.86   0.90 N 
19  1 C6    A DA 5  ? ? N1    A DA 5  ? ? C2    A DA 5  ? ? 136.00 118.60 17.40  0.60 N 
20  1 N1    A DA 5  ? ? C2    A DA 5  ? ? N3    A DA 5  ? ? 113.90 129.30 -15.40 0.50 N 
21  1 C2    A DA 5  ? ? N3    A DA 5  ? ? C4    A DA 5  ? ? 118.39 110.60 7.79   0.50 N 
22  1 N3    A DA 5  ? ? C4    A DA 5  ? ? C5    A DA 5  ? ? 120.65 126.80 -6.15  0.70 N 
23  1 C4    A DA 5  ? ? C5    A DA 5  ? ? C6    A DA 5  ? ? 126.09 117.00 9.09   0.50 N 
24  1 C5    A DA 5  ? ? C6    A DA 5  ? ? N1    A DA 5  ? ? 104.57 117.70 -13.13 0.50 N 
25  1 C4    A DA 5  ? ? C5    A DA 5  ? ? N7    A DA 5  ? ? 99.58  110.70 -11.12 0.50 N 
26  1 C5    A DA 5  ? ? N7    A DA 5  ? ? C8    A DA 5  ? ? 117.54 103.90 13.64  0.50 N 
27  1 N7    A DA 5  ? ? C8    A DA 5  ? ? N9    A DA 5  ? ? 100.91 113.80 -12.89 0.50 N 
28  1 C8    A DA 5  ? ? N9    A DA 5  ? ? C4    A DA 5  ? ? 110.59 105.80 4.79   0.40 N 
29  1 N9    A DA 5  ? ? C4    A DA 5  ? ? C5    A DA 5  ? ? 111.04 105.80 5.24   0.40 N 
30  1 N1    A DA 5  ? ? C6    A DA 5  ? ? N6    A DA 5  ? ? 129.32 118.60 10.72  0.60 N 
31  1 "C3'" A DA 5  ? ? "O3'" A DA 5  ? ? P     A DA 6  ? ? 135.41 119.70 15.71  1.20 Y 
32  1 OP1   A DA 6  ? ? P     A DA 6  ? ? OP2   A DA 6  ? ? 131.58 119.60 11.98  1.50 N 
33  1 "C4'" A DA 6  ? ? "C3'" A DA 6  ? ? "C2'" A DA 6  ? ? 109.02 103.10 5.92   0.90 N 
34  1 "O4'" A DA 6  ? ? "C1'" A DA 6  ? ? N9    A DA 6  ? ? 103.60 108.00 -4.40  0.70 N 
35  1 C6    A DA 6  ? ? N1    A DA 6  ? ? C2    A DA 6  ? ? 104.35 118.60 -14.25 0.60 N 
36  1 N1    A DA 6  ? ? C2    A DA 6  ? ? N3    A DA 6  ? ? 134.37 129.30 5.07   0.50 N 
37  1 C2    A DA 6  ? ? N3    A DA 6  ? ? C4    A DA 6  ? ? 104.87 110.60 -5.73  0.50 N 
38  1 C5    A DA 6  ? ? C6    A DA 6  ? ? N1    A DA 6  ? ? 133.35 117.70 15.65  0.50 N 
39  1 C4    A DA 6  ? ? C5    A DA 6  ? ? N7    A DA 6  ? ? 96.86  110.70 -13.84 0.50 N 
40  1 C5    A DA 6  ? ? N7    A DA 6  ? ? C8    A DA 6  ? ? 108.62 103.90 4.72   0.50 N 
41  1 C8    A DA 6  ? ? N9    A DA 6  ? ? C4    A DA 6  ? ? 92.10  105.80 -13.70 0.40 N 
42  1 N9    A DA 6  ? ? C4    A DA 6  ? ? C5    A DA 6  ? ? 126.72 105.80 20.92  0.40 N 
43  1 N3    A DA 6  ? ? C4    A DA 6  ? ? N9    A DA 6  ? ? 108.68 127.40 -18.72 0.80 N 
44  1 C6    A DA 6  ? ? C5    A DA 6  ? ? N7    A DA 6  ? ? 144.90 132.30 12.60  0.70 N 
45  1 N1    A DA 6  ? ? C6    A DA 6  ? ? N6    A DA 6  ? ? 111.67 118.60 -6.93  0.60 N 
46  1 C5    A DA 6  ? ? C6    A DA 6  ? ? N6    A DA 6  ? ? 114.97 123.70 -8.73  0.80 N 
47  1 C4    A DA 6  ? ? N9    A DA 6  ? ? "C1'" A DA 6  ? ? 139.19 126.30 12.89  1.80 N 
48  1 "C4'" A DT 7  ? ? "C3'" A DT 7  ? ? "C2'" A DT 7  ? ? 109.91 103.10 6.81   0.90 N 
49  1 N1    A DT 7  ? ? "C1'" A DT 7  ? ? "C2'" A DT 7  ? ? 124.39 114.30 10.09  1.40 N 
50  1 "O4'" A DT 7  ? ? "C1'" A DT 7  ? ? N1    A DT 7  ? ? 101.59 108.00 -6.41  0.70 N 
51  1 "O5'" A DT 8  ? ? "C5'" A DT 8  ? ? "C4'" A DT 8  ? ? 103.57 109.40 -5.83  0.80 N 
52  1 "C4'" A DT 8  ? ? "C3'" A DT 8  ? ? "C2'" A DT 8  ? ? 110.37 103.10 7.27   0.90 N 
53  1 C5    A DT 8  ? ? C6    A DT 8  ? ? N1    A DT 8  ? ? 120.01 123.70 -3.69  0.60 N 
54  1 OP1   A DC 9  ? ? P     A DC 9  ? ? OP2   A DC 9  ? ? 134.54 119.60 14.94  1.50 N 
55  1 "O5'" A DC 9  ? ? "C5'" A DC 9  ? ? "C4'" A DC 9  ? ? 100.93 109.40 -8.47  0.80 N 
56  1 "O4'" A DC 9  ? ? "C1'" A DC 9  ? ? N1    A DC 9  ? ? 115.55 108.30 7.25   0.30 N 
57  1 "C3'" A DC 9  ? ? "O3'" A DC 9  ? ? P     A DG 10 ? ? 127.21 119.70 7.51   1.20 Y 
58  1 "O3'" A DC 9  ? ? P     A DG 10 ? ? "O5'" A DG 10 ? ? 88.69  104.00 -15.31 1.90 Y 
59  1 OP1   A DG 10 ? ? P     A DG 10 ? ? OP2   A DG 10 ? ? 135.90 119.60 16.30  1.50 N 
60  1 "O5'" A DG 10 ? ? "C5'" A DG 10 ? ? "C4'" A DG 10 ? ? 103.18 109.40 -6.22  0.80 N 
61  1 "C4'" A DG 10 ? ? "C3'" A DG 10 ? ? "C2'" A DG 10 ? ? 109.89 103.10 6.79   0.90 N 
62  1 "O3'" A DG 10 ? ? P     A DC 11 ? ? "O5'" A DC 11 ? ? 88.52  104.00 -15.48 1.90 Y 
63  1 OP1   A DC 11 ? ? P     A DC 11 ? ? OP2   A DC 11 ? ? 137.59 119.60 17.99  1.50 N 
64  1 "C4'" A DC 11 ? ? "C3'" A DC 11 ? ? "C2'" A DC 11 ? ? 110.32 103.10 7.22   0.90 N 
65  1 "C3'" A DC 11 ? ? "O3'" A DC 11 ? ? P     A DG 12 ? ? 130.58 119.70 10.88  1.20 Y 
66  1 N9    A DG 12 ? ? "C1'" A DG 12 ? ? "C2'" A DG 12 ? ? 124.80 114.30 10.50  1.40 N 
67  1 "O4'" A DG 12 ? ? "C1'" A DG 12 ? ? N9    A DG 12 ? ? 97.47  108.00 -10.53 0.70 N 
68  1 "C4'" B DC 13 ? ? "C3'" B DC 13 ? ? "C2'" B DC 13 ? ? 109.30 103.10 6.20   0.90 N 
69  1 OP1   B DG 14 ? ? P     B DG 14 ? ? OP2   B DG 14 ? ? 133.03 119.60 13.43  1.50 N 
70  1 "O5'" B DG 14 ? ? "C5'" B DG 14 ? ? "C4'" B DG 14 ? ? 102.53 109.40 -6.87  0.80 N 
71  1 "C4'" B DG 14 ? ? "C3'" B DG 14 ? ? "C2'" B DG 14 ? ? 108.78 103.10 5.68   0.90 N 
72  1 C6    B DG 14 ? ? N1    B DG 14 ? ? C2    B DG 14 ? ? 120.96 125.10 -4.14  0.60 N 
73  1 N1    B DG 14 ? ? C2    B DG 14 ? ? N3    B DG 14 ? ? 127.81 123.90 3.91   0.60 N 
74  1 OP1   B DC 15 ? ? P     B DC 15 ? ? OP2   B DC 15 ? ? 133.38 119.60 13.78  1.50 N 
75  1 OP1   B DG 16 ? ? P     B DG 16 ? ? OP2   B DG 16 ? ? 136.53 119.60 16.93  1.50 N 
76  1 "O5'" B DG 16 ? ? "C5'" B DG 16 ? ? "C4'" B DG 16 ? ? 104.47 109.40 -4.93  0.80 N 
77  1 "O4'" B DG 16 ? ? "C1'" B DG 16 ? ? N9    B DG 16 ? ? 111.32 108.30 3.02   0.30 N 
78  1 OP1   B DA 17 ? ? P     B DA 17 ? ? OP2   B DA 17 ? ? 129.49 119.60 9.89   1.50 N 
79  1 "O5'" B DA 17 ? ? "C5'" B DA 17 ? ? "C4'" B DA 17 ? ? 103.56 109.40 -5.84  0.80 N 
80  1 "C4'" B DA 17 ? ? "C3'" B DA 17 ? ? "C2'" B DA 17 ? ? 109.11 103.10 6.01   0.90 N 
81  1 OP1   B DA 18 ? ? P     B DA 18 ? ? OP2   B DA 18 ? ? 133.70 119.60 14.10  1.50 N 
82  1 "O5'" B DA 18 ? ? "C5'" B DA 18 ? ? "C4'" B DA 18 ? ? 104.03 109.40 -5.37  0.80 N 
83  1 "C4'" B DA 18 ? ? "C3'" B DA 18 ? ? "C2'" B DA 18 ? ? 108.51 103.10 5.41   0.90 N 
84  1 OP1   B DT 19 ? ? P     B DT 19 ? ? OP2   B DT 19 ? ? 137.19 119.60 17.59  1.50 N 
85  1 "O5'" B DT 19 ? ? "C5'" B DT 19 ? ? "C4'" B DT 19 ? ? 104.37 109.40 -5.03  0.80 N 
86  1 "C4'" B DT 19 ? ? "C3'" B DT 19 ? ? "C2'" B DT 19 ? ? 109.33 103.10 6.23   0.90 N 
87  1 N1    B DT 19 ? ? "C1'" B DT 19 ? ? "C2'" B DT 19 ? ? 122.78 114.30 8.48   1.40 N 
88  1 "O4'" B DT 19 ? ? "C1'" B DT 19 ? ? N1    B DT 19 ? ? 103.52 108.00 -4.48  0.70 N 
89  1 OP1   B DT 20 ? ? P     B DT 20 ? ? OP2   B DT 20 ? ? 133.73 119.60 14.13  1.50 N 
90  1 "C4'" B DT 20 ? ? "C3'" B DT 20 ? ? "C2'" B DT 20 ? ? 109.53 103.10 6.43   0.90 N 
91  1 N1    B DT 20 ? ? C2    B DT 20 ? ? N3    B DT 20 ? ? 118.22 114.60 3.62   0.60 N 
92  1 C2    B DT 20 ? ? N3    B DT 20 ? ? C4    B DT 20 ? ? 123.27 127.20 -3.93  0.60 N 
93  1 "C3'" B DT 20 ? ? "O3'" B DT 20 ? ? P     B DC 21 ? ? 127.24 119.70 7.54   1.20 Y 
94  1 "O5'" B DC 21 ? ? "C5'" B DC 21 ? ? "C4'" B DC 21 ? ? 102.16 109.40 -7.24  0.80 N 
95  1 "C4'" B DC 21 ? ? "C3'" B DC 21 ? ? "C2'" B DC 21 ? ? 110.14 103.10 7.04   0.90 N 
96  1 "O4'" B DC 21 ? ? "C1'" B DC 21 ? ? N1    B DC 21 ? ? 102.96 108.00 -5.04  0.70 N 
97  1 "C3'" B DC 21 ? ? "O3'" B DC 21 ? ? P     B DG 22 ? ? 129.52 119.70 9.82   1.20 Y 
98  1 OP1   B DG 22 ? ? P     B DG 22 ? ? OP2   B DG 22 ? ? 131.70 119.60 12.10  1.50 N 
99  1 "O5'" B DG 22 ? ? "C5'" B DG 22 ? ? "C4'" B DG 22 ? ? 103.16 109.40 -6.24  0.80 N 
100 1 N9    B DG 22 ? ? "C1'" B DG 22 ? ? "C2'" B DG 22 ? ? 125.68 114.30 11.38  1.40 N 
101 1 "O4'" B DG 22 ? ? "C1'" B DG 22 ? ? N9    B DG 22 ? ? 99.01  108.00 -8.99  0.70 N 
102 1 N1    B DG 22 ? ? C6    B DG 22 ? ? O6    B DG 22 ? ? 113.41 119.90 -6.49  0.60 N 
103 1 C5    B DG 22 ? ? C6    B DG 22 ? ? O6    B DG 22 ? ? 132.51 128.60 3.91   0.60 N 
104 1 "C3'" B DG 22 ? ? "O3'" B DG 22 ? ? P     B DC 23 ? ? 129.87 119.70 10.17  1.20 Y 
105 1 "O5'" B DC 23 ? ? "C5'" B DC 23 ? ? "C4'" B DC 23 ? ? 102.23 109.40 -7.17  0.80 N 
106 1 OP1   B DG 24 ? ? P     B DG 24 ? ? OP2   B DG 24 ? ? 132.30 119.60 12.70  1.50 N 
107 1 "O5'" B DG 24 ? ? "C5'" B DG 24 ? ? "C4'" B DG 24 ? ? 103.52 109.40 -5.88  0.80 N 
# 
_pdbx_validate_planes.id              1 
_pdbx_validate_planes.PDB_model_num   1 
_pdbx_validate_planes.auth_comp_id    DA 
_pdbx_validate_planes.auth_asym_id    A 
_pdbx_validate_planes.auth_seq_id     6 
_pdbx_validate_planes.PDB_ins_code    ? 
_pdbx_validate_planes.label_alt_id    ? 
_pdbx_validate_planes.rmsd            0.058 
_pdbx_validate_planes.type            'SIDE CHAIN' 
# 
_struct_site_keywords.site_id   1 
_struct_site_keywords.text      'MINOR GROOVE BINDER' 
# 
loop_
_chem_comp_atom.comp_id 
_chem_comp_atom.atom_id 
_chem_comp_atom.type_symbol 
_chem_comp_atom.pdbx_aromatic_flag 
_chem_comp_atom.pdbx_stereo_config 
_chem_comp_atom.pdbx_ordinal 
DA  OP3    O  N N 1   
DA  P      P  N N 2   
DA  OP1    O  N N 3   
DA  OP2    O  N N 4   
DA  "O5'"  O  N N 5   
DA  "C5'"  C  N N 6   
DA  "C4'"  C  N R 7   
DA  "O4'"  O  N N 8   
DA  "C3'"  C  N S 9   
DA  "O3'"  O  N N 10  
DA  "C2'"  C  N N 11  
DA  "C1'"  C  N R 12  
DA  N9     N  Y N 13  
DA  C8     C  Y N 14  
DA  N7     N  Y N 15  
DA  C5     C  Y N 16  
DA  C6     C  Y N 17  
DA  N6     N  N N 18  
DA  N1     N  Y N 19  
DA  C2     C  Y N 20  
DA  N3     N  Y N 21  
DA  C4     C  Y N 22  
DA  HOP3   H  N N 23  
DA  HOP2   H  N N 24  
DA  "H5'"  H  N N 25  
DA  "H5''" H  N N 26  
DA  "H4'"  H  N N 27  
DA  "H3'"  H  N N 28  
DA  "HO3'" H  N N 29  
DA  "H2'"  H  N N 30  
DA  "H2''" H  N N 31  
DA  "H1'"  H  N N 32  
DA  H8     H  N N 33  
DA  H61    H  N N 34  
DA  H62    H  N N 35  
DA  H2     H  N N 36  
DC  OP3    O  N N 37  
DC  P      P  N N 38  
DC  OP1    O  N N 39  
DC  OP2    O  N N 40  
DC  "O5'"  O  N N 41  
DC  "C5'"  C  N N 42  
DC  "C4'"  C  N R 43  
DC  "O4'"  O  N N 44  
DC  "C3'"  C  N S 45  
DC  "O3'"  O  N N 46  
DC  "C2'"  C  N N 47  
DC  "C1'"  C  N R 48  
DC  N1     N  N N 49  
DC  C2     C  N N 50  
DC  O2     O  N N 51  
DC  N3     N  N N 52  
DC  C4     C  N N 53  
DC  N4     N  N N 54  
DC  C5     C  N N 55  
DC  C6     C  N N 56  
DC  HOP3   H  N N 57  
DC  HOP2   H  N N 58  
DC  "H5'"  H  N N 59  
DC  "H5''" H  N N 60  
DC  "H4'"  H  N N 61  
DC  "H3'"  H  N N 62  
DC  "HO3'" H  N N 63  
DC  "H2'"  H  N N 64  
DC  "H2''" H  N N 65  
DC  "H1'"  H  N N 66  
DC  H41    H  N N 67  
DC  H42    H  N N 68  
DC  H5     H  N N 69  
DC  H6     H  N N 70  
DG  OP3    O  N N 71  
DG  P      P  N N 72  
DG  OP1    O  N N 73  
DG  OP2    O  N N 74  
DG  "O5'"  O  N N 75  
DG  "C5'"  C  N N 76  
DG  "C4'"  C  N R 77  
DG  "O4'"  O  N N 78  
DG  "C3'"  C  N S 79  
DG  "O3'"  O  N N 80  
DG  "C2'"  C  N N 81  
DG  "C1'"  C  N R 82  
DG  N9     N  Y N 83  
DG  C8     C  Y N 84  
DG  N7     N  Y N 85  
DG  C5     C  Y N 86  
DG  C6     C  N N 87  
DG  O6     O  N N 88  
DG  N1     N  N N 89  
DG  C2     C  N N 90  
DG  N2     N  N N 91  
DG  N3     N  N N 92  
DG  C4     C  Y N 93  
DG  HOP3   H  N N 94  
DG  HOP2   H  N N 95  
DG  "H5'"  H  N N 96  
DG  "H5''" H  N N 97  
DG  "H4'"  H  N N 98  
DG  "H3'"  H  N N 99  
DG  "HO3'" H  N N 100 
DG  "H2'"  H  N N 101 
DG  "H2''" H  N N 102 
DG  "H1'"  H  N N 103 
DG  H8     H  N N 104 
DG  H1     H  N N 105 
DG  H21    H  N N 106 
DG  H22    H  N N 107 
DT  OP3    O  N N 108 
DT  P      P  N N 109 
DT  OP1    O  N N 110 
DT  OP2    O  N N 111 
DT  "O5'"  O  N N 112 
DT  "C5'"  C  N N 113 
DT  "C4'"  C  N R 114 
DT  "O4'"  O  N N 115 
DT  "C3'"  C  N S 116 
DT  "O3'"  O  N N 117 
DT  "C2'"  C  N N 118 
DT  "C1'"  C  N R 119 
DT  N1     N  N N 120 
DT  C2     C  N N 121 
DT  O2     O  N N 122 
DT  N3     N  N N 123 
DT  C4     C  N N 124 
DT  O4     O  N N 125 
DT  C5     C  N N 126 
DT  C7     C  N N 127 
DT  C6     C  N N 128 
DT  HOP3   H  N N 129 
DT  HOP2   H  N N 130 
DT  "H5'"  H  N N 131 
DT  "H5''" H  N N 132 
DT  "H4'"  H  N N 133 
DT  "H3'"  H  N N 134 
DT  "HO3'" H  N N 135 
DT  "H2'"  H  N N 136 
DT  "H2''" H  N N 137 
DT  "H1'"  H  N N 138 
DT  H3     H  N N 139 
DT  H71    H  N N 140 
DT  H72    H  N N 141 
DT  H73    H  N N 142 
DT  H6     H  N N 143 
HOH O      O  N N 144 
HOH H1     H  N N 145 
HOH H2     H  N N 146 
IA  C      C  Y N 147 
IA  C1     C  Y N 148 
IA  C2     C  Y N 149 
IA  C3     C  Y N 150 
IA  C4     C  Y N 151 
IA  C5     C  Y N 152 
IA  C6     C  Y N 153 
IA  C7     C  Y N 154 
IA  C8     C  Y N 155 
IA  C9     C  Y N 156 
IA  C10    C  Y N 157 
IA  C11    C  Y N 158 
IA  C12    C  Y N 159 
IA  N1     N  Y N 160 
IA  N2     N  Y N 161 
IA  C13    C  Y N 162 
IA  C14    C  Y N 163 
IA  C15    C  Y N 164 
IA  C16    C  Y N 165 
IA  C17    C  Y N 166 
IA  C18    C  Y N 167 
IA  C19    C  Y N 168 
IA  N3     N  Y N 169 
IA  N4     N  Y N 170 
IA  N6     N  N N 171 
IA  N7     N  N N 172 
IA  C20    C  N N 173 
IA  C21    C  N N 174 
IA  C22    C  N N 175 
IA  C23    C  N N 176 
IA  C24    C  N N 177 
IA  I      I  N N 178 
IA  H      H  N N 179 
IA  H2     H  N N 180 
IA  H3     H  N N 181 
IA  H5     H  N N 182 
IA  H9     H  N N 183 
IA  H10    H  N N 184 
IA  H12    H  N N 185 
IA  HN1    H  N N 186 
IA  H16    H  N N 187 
IA  H17    H  N N 188 
IA  H19    H  N N 189 
IA  HN3    H  N N 190 
IA  HN7    H  N N 191 
IA  H201   H  N N 192 
IA  H202   H  N N 193 
IA  H211   H  N N 194 
IA  H212   H  N N 195 
IA  H221   H  N N 196 
IA  H222   H  N N 197 
IA  H231   H  N N 198 
IA  H232   H  N N 199 
IA  H241   H  N N 200 
IA  H242   H  N N 201 
IA  H243   H  N N 202 
MG  MG     MG N N 203 
# 
loop_
_chem_comp_bond.comp_id 
_chem_comp_bond.atom_id_1 
_chem_comp_bond.atom_id_2 
_chem_comp_bond.value_order 
_chem_comp_bond.pdbx_aromatic_flag 
_chem_comp_bond.pdbx_stereo_config 
_chem_comp_bond.pdbx_ordinal 
DA  OP3   P      sing N N 1   
DA  OP3   HOP3   sing N N 2   
DA  P     OP1    doub N N 3   
DA  P     OP2    sing N N 4   
DA  P     "O5'"  sing N N 5   
DA  OP2   HOP2   sing N N 6   
DA  "O5'" "C5'"  sing N N 7   
DA  "C5'" "C4'"  sing N N 8   
DA  "C5'" "H5'"  sing N N 9   
DA  "C5'" "H5''" sing N N 10  
DA  "C4'" "O4'"  sing N N 11  
DA  "C4'" "C3'"  sing N N 12  
DA  "C4'" "H4'"  sing N N 13  
DA  "O4'" "C1'"  sing N N 14  
DA  "C3'" "O3'"  sing N N 15  
DA  "C3'" "C2'"  sing N N 16  
DA  "C3'" "H3'"  sing N N 17  
DA  "O3'" "HO3'" sing N N 18  
DA  "C2'" "C1'"  sing N N 19  
DA  "C2'" "H2'"  sing N N 20  
DA  "C2'" "H2''" sing N N 21  
DA  "C1'" N9     sing N N 22  
DA  "C1'" "H1'"  sing N N 23  
DA  N9    C8     sing Y N 24  
DA  N9    C4     sing Y N 25  
DA  C8    N7     doub Y N 26  
DA  C8    H8     sing N N 27  
DA  N7    C5     sing Y N 28  
DA  C5    C6     sing Y N 29  
DA  C5    C4     doub Y N 30  
DA  C6    N6     sing N N 31  
DA  C6    N1     doub Y N 32  
DA  N6    H61    sing N N 33  
DA  N6    H62    sing N N 34  
DA  N1    C2     sing Y N 35  
DA  C2    N3     doub Y N 36  
DA  C2    H2     sing N N 37  
DA  N3    C4     sing Y N 38  
DC  OP3   P      sing N N 39  
DC  OP3   HOP3   sing N N 40  
DC  P     OP1    doub N N 41  
DC  P     OP2    sing N N 42  
DC  P     "O5'"  sing N N 43  
DC  OP2   HOP2   sing N N 44  
DC  "O5'" "C5'"  sing N N 45  
DC  "C5'" "C4'"  sing N N 46  
DC  "C5'" "H5'"  sing N N 47  
DC  "C5'" "H5''" sing N N 48  
DC  "C4'" "O4'"  sing N N 49  
DC  "C4'" "C3'"  sing N N 50  
DC  "C4'" "H4'"  sing N N 51  
DC  "O4'" "C1'"  sing N N 52  
DC  "C3'" "O3'"  sing N N 53  
DC  "C3'" "C2'"  sing N N 54  
DC  "C3'" "H3'"  sing N N 55  
DC  "O3'" "HO3'" sing N N 56  
DC  "C2'" "C1'"  sing N N 57  
DC  "C2'" "H2'"  sing N N 58  
DC  "C2'" "H2''" sing N N 59  
DC  "C1'" N1     sing N N 60  
DC  "C1'" "H1'"  sing N N 61  
DC  N1    C2     sing N N 62  
DC  N1    C6     sing N N 63  
DC  C2    O2     doub N N 64  
DC  C2    N3     sing N N 65  
DC  N3    C4     doub N N 66  
DC  C4    N4     sing N N 67  
DC  C4    C5     sing N N 68  
DC  N4    H41    sing N N 69  
DC  N4    H42    sing N N 70  
DC  C5    C6     doub N N 71  
DC  C5    H5     sing N N 72  
DC  C6    H6     sing N N 73  
DG  OP3   P      sing N N 74  
DG  OP3   HOP3   sing N N 75  
DG  P     OP1    doub N N 76  
DG  P     OP2    sing N N 77  
DG  P     "O5'"  sing N N 78  
DG  OP2   HOP2   sing N N 79  
DG  "O5'" "C5'"  sing N N 80  
DG  "C5'" "C4'"  sing N N 81  
DG  "C5'" "H5'"  sing N N 82  
DG  "C5'" "H5''" sing N N 83  
DG  "C4'" "O4'"  sing N N 84  
DG  "C4'" "C3'"  sing N N 85  
DG  "C4'" "H4'"  sing N N 86  
DG  "O4'" "C1'"  sing N N 87  
DG  "C3'" "O3'"  sing N N 88  
DG  "C3'" "C2'"  sing N N 89  
DG  "C3'" "H3'"  sing N N 90  
DG  "O3'" "HO3'" sing N N 91  
DG  "C2'" "C1'"  sing N N 92  
DG  "C2'" "H2'"  sing N N 93  
DG  "C2'" "H2''" sing N N 94  
DG  "C1'" N9     sing N N 95  
DG  "C1'" "H1'"  sing N N 96  
DG  N9    C8     sing Y N 97  
DG  N9    C4     sing Y N 98  
DG  C8    N7     doub Y N 99  
DG  C8    H8     sing N N 100 
DG  N7    C5     sing Y N 101 
DG  C5    C6     sing N N 102 
DG  C5    C4     doub Y N 103 
DG  C6    O6     doub N N 104 
DG  C6    N1     sing N N 105 
DG  N1    C2     sing N N 106 
DG  N1    H1     sing N N 107 
DG  C2    N2     sing N N 108 
DG  C2    N3     doub N N 109 
DG  N2    H21    sing N N 110 
DG  N2    H22    sing N N 111 
DG  N3    C4     sing N N 112 
DT  OP3   P      sing N N 113 
DT  OP3   HOP3   sing N N 114 
DT  P     OP1    doub N N 115 
DT  P     OP2    sing N N 116 
DT  P     "O5'"  sing N N 117 
DT  OP2   HOP2   sing N N 118 
DT  "O5'" "C5'"  sing N N 119 
DT  "C5'" "C4'"  sing N N 120 
DT  "C5'" "H5'"  sing N N 121 
DT  "C5'" "H5''" sing N N 122 
DT  "C4'" "O4'"  sing N N 123 
DT  "C4'" "C3'"  sing N N 124 
DT  "C4'" "H4'"  sing N N 125 
DT  "O4'" "C1'"  sing N N 126 
DT  "C3'" "O3'"  sing N N 127 
DT  "C3'" "C2'"  sing N N 128 
DT  "C3'" "H3'"  sing N N 129 
DT  "O3'" "HO3'" sing N N 130 
DT  "C2'" "C1'"  sing N N 131 
DT  "C2'" "H2'"  sing N N 132 
DT  "C2'" "H2''" sing N N 133 
DT  "C1'" N1     sing N N 134 
DT  "C1'" "H1'"  sing N N 135 
DT  N1    C2     sing N N 136 
DT  N1    C6     sing N N 137 
DT  C2    O2     doub N N 138 
DT  C2    N3     sing N N 139 
DT  N3    C4     sing N N 140 
DT  N3    H3     sing N N 141 
DT  C4    O4     doub N N 142 
DT  C4    C5     sing N N 143 
DT  C5    C7     sing N N 144 
DT  C5    C6     doub N N 145 
DT  C7    H71    sing N N 146 
DT  C7    H72    sing N N 147 
DT  C7    H73    sing N N 148 
DT  C6    H6     sing N N 149 
HOH O     H1     sing N N 150 
HOH O     H2     sing N N 151 
IA  C     C2     doub Y N 152 
IA  C     C4     sing Y N 153 
IA  C     H      sing N N 154 
IA  C1    C3     doub Y N 155 
IA  C1    C5     sing Y N 156 
IA  C1    C6     sing Y N 157 
IA  C2    C3     sing Y N 158 
IA  C2    H2     sing N N 159 
IA  C3    H3     sing N N 160 
IA  C4    C5     doub Y N 161 
IA  C4    I      sing N N 162 
IA  C5    H5     sing N N 163 
IA  C6    N1     sing Y N 164 
IA  C6    N2     doub Y N 165 
IA  C7    C8     doub Y N 166 
IA  C7    C12    sing Y N 167 
IA  C7    N1     sing Y N 168 
IA  C8    C9     sing Y N 169 
IA  C8    N2     sing Y N 170 
IA  C9    C10    doub Y N 171 
IA  C9    H9     sing N N 172 
IA  C10   C11    sing Y N 173 
IA  C10   H10    sing N N 174 
IA  C11   C12    doub Y N 175 
IA  C11   C13    sing Y N 176 
IA  C12   H12    sing N N 177 
IA  N1    HN1    sing N N 178 
IA  C13   N3     sing Y N 179 
IA  C13   N4     doub Y N 180 
IA  C14   C15    doub Y N 181 
IA  C14   C19    sing Y N 182 
IA  C14   N3     sing Y N 183 
IA  C15   C16    sing Y N 184 
IA  C15   N4     sing Y N 185 
IA  C16   C17    doub Y N 186 
IA  C16   H16    sing N N 187 
IA  C17   C18    sing Y N 188 
IA  C17   H17    sing N N 189 
IA  C18   C19    doub Y N 190 
IA  C18   N6     sing N N 191 
IA  C19   H19    sing N N 192 
IA  N3    HN3    sing N N 193 
IA  N6    C20    sing N N 194 
IA  N6    C23    sing N N 195 
IA  N7    C21    sing N N 196 
IA  N7    C22    sing N N 197 
IA  N7    C24    sing N N 198 
IA  N7    HN7    sing N N 199 
IA  C20   C21    sing N N 200 
IA  C20   H201   sing N N 201 
IA  C20   H202   sing N N 202 
IA  C21   H211   sing N N 203 
IA  C21   H212   sing N N 204 
IA  C22   C23    sing N N 205 
IA  C22   H221   sing N N 206 
IA  C22   H222   sing N N 207 
IA  C23   H231   sing N N 208 
IA  C23   H232   sing N N 209 
IA  C24   H241   sing N N 210 
IA  C24   H242   sing N N 211 
IA  C24   H243   sing N N 212 
# 
_ndb_struct_conf_na.entry_id   443D 
_ndb_struct_conf_na.feature    'b-form double helix' 
# 
loop_
_ndb_struct_na_base_pair.model_number 
_ndb_struct_na_base_pair.i_label_asym_id 
_ndb_struct_na_base_pair.i_label_comp_id 
_ndb_struct_na_base_pair.i_label_seq_id 
_ndb_struct_na_base_pair.i_symmetry 
_ndb_struct_na_base_pair.j_label_asym_id 
_ndb_struct_na_base_pair.j_label_comp_id 
_ndb_struct_na_base_pair.j_label_seq_id 
_ndb_struct_na_base_pair.j_symmetry 
_ndb_struct_na_base_pair.shear 
_ndb_struct_na_base_pair.stretch 
_ndb_struct_na_base_pair.stagger 
_ndb_struct_na_base_pair.buckle 
_ndb_struct_na_base_pair.propeller 
_ndb_struct_na_base_pair.opening 
_ndb_struct_na_base_pair.pair_number 
_ndb_struct_na_base_pair.pair_name 
_ndb_struct_na_base_pair.i_auth_asym_id 
_ndb_struct_na_base_pair.i_auth_seq_id 
_ndb_struct_na_base_pair.i_PDB_ins_code 
_ndb_struct_na_base_pair.j_auth_asym_id 
_ndb_struct_na_base_pair.j_auth_seq_id 
_ndb_struct_na_base_pair.j_PDB_ins_code 
_ndb_struct_na_base_pair.hbond_type_28 
_ndb_struct_na_base_pair.hbond_type_12 
1 A DC 1  1_555 B DG 12 1_555 0.351  -0.129 -0.004 13.854  -13.224 -0.003 1  A_DC1:DG24_B  A 1  ? B 24 ? 19 1 
1 A DG 2  1_555 B DC 11 1_555 -0.186 -0.207 0.043  3.126   -11.549 -2.195 2  A_DG2:DC23_B  A 2  ? B 23 ? 19 1 
1 A DC 3  1_555 B DG 10 1_555 0.197  -0.067 0.395  -4.923  -12.935 4.017  3  A_DC3:DG22_B  A 3  ? B 22 ? 19 1 
1 A DG 4  1_555 B DC 9  1_555 -0.133 -0.064 0.067  7.340   -9.591  2.562  4  A_DG4:DC21_B  A 4  ? B 21 ? 19 1 
1 A DA 5  1_555 B DT 8  1_555 0.175  -0.053 -0.166 8.574   -17.189 1.302  5  A_DA5:DT20_B  A 5  ? B 20 ? 20 1 
1 A DA 6  1_555 B DT 7  1_555 0.106  -0.054 -0.019 -1.199  -23.595 10.553 6  A_DA6:DT19_B  A 6  ? B 19 ? 20 1 
1 A DT 7  1_555 B DA 6  1_555 -0.105 -0.098 -0.138 -8.659  -24.315 5.337  7  A_DT7:DA18_B  A 7  ? B 18 ? 20 1 
1 A DT 8  1_555 B DA 5  1_555 -0.095 -0.173 0.021  -11.718 -19.550 0.147  8  A_DT8:DA17_B  A 8  ? B 17 ? 20 1 
1 A DC 9  1_555 B DG 4  1_555 0.280  -0.087 0.074  -16.062 5.154   -2.835 9  A_DC9:DG16_B  A 9  ? B 16 ? 19 1 
1 A DG 10 1_555 B DC 3  1_555 -0.222 -0.109 0.150  10.078  -1.459  0.173  10 A_DG10:DC15_B A 10 ? B 15 ? 19 1 
1 A DC 11 1_555 B DG 2  1_555 0.084  -0.182 0.237  4.693   -20.311 -2.062 11 A_DC11:DG14_B A 11 ? B 14 ? 19 1 
1 A DG 12 1_555 B DC 1  1_555 -0.226 -0.137 0.407  0.435   -8.040  -1.964 12 A_DG12:DC13_B A 12 ? B 13 ? 19 1 
# 
loop_
_ndb_struct_na_base_pair_step.model_number 
_ndb_struct_na_base_pair_step.i_label_asym_id_1 
_ndb_struct_na_base_pair_step.i_label_comp_id_1 
_ndb_struct_na_base_pair_step.i_label_seq_id_1 
_ndb_struct_na_base_pair_step.i_symmetry_1 
_ndb_struct_na_base_pair_step.j_label_asym_id_1 
_ndb_struct_na_base_pair_step.j_label_comp_id_1 
_ndb_struct_na_base_pair_step.j_label_seq_id_1 
_ndb_struct_na_base_pair_step.j_symmetry_1 
_ndb_struct_na_base_pair_step.i_label_asym_id_2 
_ndb_struct_na_base_pair_step.i_label_comp_id_2 
_ndb_struct_na_base_pair_step.i_label_seq_id_2 
_ndb_struct_na_base_pair_step.i_symmetry_2 
_ndb_struct_na_base_pair_step.j_label_asym_id_2 
_ndb_struct_na_base_pair_step.j_label_comp_id_2 
_ndb_struct_na_base_pair_step.j_label_seq_id_2 
_ndb_struct_na_base_pair_step.j_symmetry_2 
_ndb_struct_na_base_pair_step.shift 
_ndb_struct_na_base_pair_step.slide 
_ndb_struct_na_base_pair_step.rise 
_ndb_struct_na_base_pair_step.tilt 
_ndb_struct_na_base_pair_step.roll 
_ndb_struct_na_base_pair_step.twist 
_ndb_struct_na_base_pair_step.x_displacement 
_ndb_struct_na_base_pair_step.y_displacement 
_ndb_struct_na_base_pair_step.helical_rise 
_ndb_struct_na_base_pair_step.inclination 
_ndb_struct_na_base_pair_step.tip 
_ndb_struct_na_base_pair_step.helical_twist 
_ndb_struct_na_base_pair_step.step_number 
_ndb_struct_na_base_pair_step.step_name 
_ndb_struct_na_base_pair_step.i_auth_asym_id_1 
_ndb_struct_na_base_pair_step.i_auth_seq_id_1 
_ndb_struct_na_base_pair_step.i_PDB_ins_code_1 
_ndb_struct_na_base_pair_step.j_auth_asym_id_1 
_ndb_struct_na_base_pair_step.j_auth_seq_id_1 
_ndb_struct_na_base_pair_step.j_PDB_ins_code_1 
_ndb_struct_na_base_pair_step.i_auth_asym_id_2 
_ndb_struct_na_base_pair_step.i_auth_seq_id_2 
_ndb_struct_na_base_pair_step.i_PDB_ins_code_2 
_ndb_struct_na_base_pair_step.j_auth_asym_id_2 
_ndb_struct_na_base_pair_step.j_auth_seq_id_2 
_ndb_struct_na_base_pair_step.j_PDB_ins_code_2 
1 A DC 1  1_555 B DG 12 1_555 A DG 2  1_555 B DC 11 1_555 0.590  0.499  3.530 3.944  6.401   34.166 -0.236 -0.325 3.606 10.734  
-6.614 34.959 1  AA_DC1DG2:DC23DG24_BB   A 1  ? B 24 ? A 2  ? B 23 ? 
1 A DG 2  1_555 B DC 11 1_555 A DC 3  1_555 B DG 10 1_555 0.548  0.266  3.497 -1.938 -3.386  38.353 0.848  -1.085 3.431 -5.138  
2.940  38.544 2  AA_DG2DC3:DG22DC23_BB   A 2  ? B 23 ? A 3  ? B 22 ? 
1 A DC 3  1_555 B DG 10 1_555 A DG 4  1_555 B DC 9  1_555 -0.296 0.893  3.093 3.743  6.553   37.706 0.570  0.899  3.156 10.017  
-5.721 38.426 3  AA_DC3DG4:DC21DG22_BB   A 3  ? B 22 ? A 4  ? B 21 ? 
1 A DG 4  1_555 B DC 9  1_555 A DA 5  1_555 B DT 8  1_555 -0.006 0.114  3.327 2.339  2.468   36.469 -0.164 0.337  3.321 3.933   
-3.728 36.622 4  AA_DG4DA5:DT20DC21_BB   A 4  ? B 21 ? A 5  ? B 20 ? 
1 A DA 5  1_555 B DT 8  1_555 A DA 6  1_555 B DT 7  1_555 -0.118 -0.095 3.358 -3.071 3.499   37.652 -0.605 -0.221 3.335 5.396   
4.736  37.928 5  AA_DA5DA6:DT19DT20_BB   A 5  ? B 20 ? A 6  ? B 19 ? 
1 A DA 6  1_555 B DT 7  1_555 A DT 7  1_555 B DA 6  1_555 -0.301 -0.432 3.415 1.426  2.668   33.339 -1.207 0.766  3.356 4.639   
-2.479 33.472 6  AA_DA6DT7:DA18DT19_BB   A 6  ? B 19 ? A 7  ? B 18 ? 
1 A DT 7  1_555 B DA 6  1_555 A DT 8  1_555 B DA 5  1_555 -0.076 0.155  3.354 -1.272 6.895   34.740 -0.791 -0.067 3.323 11.405  
2.103  35.419 7  AA_DT7DT8:DA17DA18_BB   A 7  ? B 18 ? A 8  ? B 17 ? 
1 A DT 8  1_555 B DA 5  1_555 A DC 9  1_555 B DG 4  1_555 1.210  0.615  3.636 3.059  -0.733  36.464 1.092  -1.454 3.710 -1.169  
-4.877 36.594 8  AA_DT8DC9:DG16DA17_BB   A 8  ? B 17 ? A 9  ? B 16 ? 
1 A DC 9  1_555 B DG 4  1_555 A DG 10 1_555 B DC 3  1_555 -0.219 0.969  2.986 -2.964 -1.328  29.228 2.168  -0.147 2.948 -2.621  
5.851  29.404 9  AA_DC9DG10:DC15DG16_BB  A 9  ? B 16 ? A 10 ? B 15 ? 
1 A DG 10 1_555 B DC 3  1_555 A DC 11 1_555 B DG 2  1_555 -1.303 0.127  3.601 -3.544 -11.169 38.155 1.628  1.454  3.531 -16.614 
5.272  39.850 10 AA_DG10DC11:DG14DC15_BB A 10 ? B 15 ? A 11 ? B 14 ? 
1 A DC 11 1_555 B DG 2  1_555 A DG 12 1_555 B DC 1  1_555 -0.752 0.290  3.421 -5.830 4.605   37.671 -0.174 0.366  3.505 7.047   
8.923  38.370 11 AA_DC11DG12:DC13DG14_BB A 11 ? B 14 ? A 12 ? B 13 ? 
# 
_atom_sites.entry_id                    443D 
_atom_sites.fract_transf_matrix[1][1]   0.03791959 
_atom_sites.fract_transf_matrix[1][2]   -0.00970969 
_atom_sites.fract_transf_matrix[1][3]   -0.00889078 
_atom_sites.fract_transf_matrix[2][1]   0.00920920 
_atom_sites.fract_transf_matrix[2][2]   0.01395598 
_atom_sites.fract_transf_matrix[2][3]   0.02403622 
_atom_sites.fract_transf_matrix[3][1]   -0.00151723 
_atom_sites.fract_transf_matrix[3][2]   -0.01378800 
_atom_sites.fract_transf_matrix[3][3]   0.00858694 
_atom_sites.fract_transf_vector[1]      0.453974 
_atom_sites.fract_transf_vector[2]      0.048179 
_atom_sites.fract_transf_vector[3]      0.351087 
# 
loop_
_atom_type.symbol 
C  
I  
MG 
N  
O  
P  
# 
loop_
_atom_site.group_PDB 
_atom_site.id 
_atom_site.type_symbol 
_atom_site.label_atom_id 
_atom_site.label_alt_id 
_atom_site.label_comp_id 
_atom_site.label_asym_id 
_atom_site.label_entity_id 
_atom_site.label_seq_id 
_atom_site.pdbx_PDB_ins_code 
_atom_site.Cartn_x 
_atom_site.Cartn_y 
_atom_site.Cartn_z 
_atom_site.occupancy 
_atom_site.B_iso_or_equiv 
_atom_site.pdbx_formal_charge 
_atom_site.auth_seq_id 
_atom_site.auth_comp_id 
_atom_site.auth_asym_id 
_atom_site.auth_atom_id 
_atom_site.pdbx_PDB_model_num 
ATOM   1   O  "O5'" . DC  A 1 1  ? -0.923  21.392  4.713   1.00 33.26 ? 1  DC  A "O5'" 1 
ATOM   2   C  "C5'" . DC  A 1 1  ? -1.361  20.154  5.253   1.00 18.13 ? 1  DC  A "C5'" 1 
ATOM   3   C  "C4'" . DC  A 1 1  ? -2.679  19.793  4.485   1.00 14.58 ? 1  DC  A "C4'" 1 
ATOM   4   O  "O4'" . DC  A 1 1  ? -2.519  19.779  3.069   1.00 14.73 ? 1  DC  A "O4'" 1 
ATOM   5   C  "C3'" . DC  A 1 1  ? -3.115  18.446  4.882   1.00 12.89 ? 1  DC  A "C3'" 1 
ATOM   6   O  "O3'" . DC  A 1 1  ? -4.528  18.567  4.998   1.00 14.32 ? 1  DC  A "O3'" 1 
ATOM   7   C  "C2'" . DC  A 1 1  ? -2.807  17.512  3.797   1.00 13.05 ? 1  DC  A "C2'" 1 
ATOM   8   C  "C1'" . DC  A 1 1  ? -2.800  18.425  2.568   1.00 13.19 ? 1  DC  A "C1'" 1 
ATOM   9   N  N1    . DC  A 1 1  ? -1.796  18.284  1.510   1.00 13.51 ? 1  DC  A N1    1 
ATOM   10  C  C2    . DC  A 1 1  ? -2.227  18.337  0.186   1.00 16.94 ? 1  DC  A C2    1 
ATOM   11  O  O2    . DC  A 1 1  ? -3.425  18.495  -0.087  1.00 14.30 ? 1  DC  A O2    1 
ATOM   12  N  N3    . DC  A 1 1  ? -1.304  18.213  -0.802  1.00 8.93  ? 1  DC  A N3    1 
ATOM   13  C  C4    . DC  A 1 1  ? -0.013  18.042  -0.512  1.00 12.60 ? 1  DC  A C4    1 
ATOM   14  N  N4    . DC  A 1 1  ? 0.834   17.923  -1.532  1.00 12.26 ? 1  DC  A N4    1 
ATOM   15  C  C5    . DC  A 1 1  ? 0.458   17.985  0.836   1.00 19.60 ? 1  DC  A C5    1 
ATOM   16  C  C6    . DC  A 1 1  ? -0.477  18.110  1.800   1.00 19.43 ? 1  DC  A C6    1 
ATOM   17  P  P     . DG  A 1 2  ? -5.372  17.480  5.869   1.00 21.54 ? 2  DG  A P     1 
ATOM   18  O  OP1   . DG  A 1 2  ? -6.649  18.077  6.137   1.00 19.90 ? 2  DG  A OP1   1 
ATOM   19  O  OP2   . DG  A 1 2  ? -4.530  16.586  6.611   1.00 22.59 ? 2  DG  A OP2   1 
ATOM   20  O  "O5'" . DG  A 1 2  ? -5.695  16.580  4.463   1.00 19.78 ? 2  DG  A "O5'" 1 
ATOM   21  C  "C5'" . DG  A 1 2  ? -6.839  16.838  3.647   1.00 15.03 ? 2  DG  A "C5'" 1 
ATOM   22  C  "C4'" . DG  A 1 2  ? -6.788  15.702  2.580   1.00 14.99 ? 2  DG  A "C4'" 1 
ATOM   23  O  "O4'" . DG  A 1 2  ? -5.583  15.814  1.814   1.00 12.64 ? 2  DG  A "O4'" 1 
ATOM   24  C  "C3'" . DG  A 1 2  ? -6.784  14.385  3.203   1.00 12.52 ? 2  DG  A "C3'" 1 
ATOM   25  O  "O3'" . DG  A 1 2  ? -7.830  13.689  2.527   1.00 16.64 ? 2  DG  A "O3'" 1 
ATOM   26  C  "C2'" . DG  A 1 2  ? -5.505  13.717  2.910   1.00 12.05 ? 2  DG  A "C2'" 1 
ATOM   27  C  "C1'" . DG  A 1 2  ? -5.093  14.486  1.613   1.00 10.78 ? 2  DG  A "C1'" 1 
ATOM   28  N  N9    . DG  A 1 2  ? -3.682  14.552  1.333   1.00 10.37 ? 2  DG  A N9    1 
ATOM   29  C  C8    . DG  A 1 2  ? -2.615  14.579  2.184   1.00 12.26 ? 2  DG  A C8    1 
ATOM   30  N  N7    . DG  A 1 2  ? -1.455  14.638  1.576   1.00 10.19 ? 2  DG  A N7    1 
ATOM   31  C  C5    . DG  A 1 2  ? -1.795  14.650  0.254   1.00 10.95 ? 2  DG  A C5    1 
ATOM   32  C  C6    . DG  A 1 2  ? -0.941  14.709  -0.881  1.00 14.04 ? 2  DG  A C6    1 
ATOM   33  O  O6    . DG  A 1 2  ? 0.301   14.759  -0.823  1.00 12.94 ? 2  DG  A O6    1 
ATOM   34  N  N1    . DG  A 1 2  ? -1.661  14.702  -2.058  1.00 8.23  ? 2  DG  A N1    1 
ATOM   35  C  C2    . DG  A 1 2  ? -3.037  14.647  -2.140  1.00 10.77 ? 2  DG  A C2    1 
ATOM   36  N  N2    . DG  A 1 2  ? -3.565  14.649  -3.391  1.00 9.56  ? 2  DG  A N2    1 
ATOM   37  N  N3    . DG  A 1 2  ? -3.850  14.593  -1.095  1.00 6.42  ? 2  DG  A N3    1 
ATOM   38  C  C4    . DG  A 1 2  ? -3.157  14.598  0.068   1.00 10.16 ? 2  DG  A C4    1 
ATOM   39  P  P     . DC  A 1 3  ? -8.482  12.279  3.045   1.00 17.91 ? 3  DC  A P     1 
ATOM   40  O  OP1   . DC  A 1 3  ? -9.758  12.636  3.665   1.00 25.11 ? 3  DC  A OP1   1 
ATOM   41  O  OP2   . DC  A 1 3  ? -7.480  11.399  3.530   1.00 20.16 ? 3  DC  A OP2   1 
ATOM   42  O  "O5'" . DC  A 1 3  ? -8.915  11.917  1.516   1.00 20.53 ? 3  DC  A "O5'" 1 
ATOM   43  C  "C5'" . DC  A 1 3  ? -8.649  10.668  0.921   1.00 28.00 ? 3  DC  A "C5'" 1 
ATOM   44  C  "C4'" . DC  A 1 3  ? -8.150  11.102  -0.504  1.00 18.63 ? 3  DC  A "C4'" 1 
ATOM   45  O  "O4'" . DC  A 1 3  ? -6.987  11.908  -0.431  1.00 16.52 ? 3  DC  A "O4'" 1 
ATOM   46  C  "C3'" . DC  A 1 3  ? -7.842  9.883   -1.222  1.00 14.16 ? 3  DC  A "C3'" 1 
ATOM   47  O  "O3'" . DC  A 1 3  ? -8.962  9.707   -2.102  1.00 15.96 ? 3  DC  A "O3'" 1 
ATOM   48  C  "C2'" . DC  A 1 3  ? -6.682  10.136  -2.045  1.00 13.92 ? 3  DC  A "C2'" 1 
ATOM   49  C  "C1'" . DC  A 1 3  ? -6.021  11.360  -1.411  1.00 17.17 ? 3  DC  A "C1'" 1 
ATOM   50  N  N1    . DC  A 1 3  ? -4.769  11.267  -0.621  1.00 14.83 ? 3  DC  A N1    1 
ATOM   51  C  C2    . DC  A 1 3  ? -3.592  11.267  -1.389  1.00 12.04 ? 3  DC  A C2    1 
ATOM   52  O  O2    . DC  A 1 3  ? -3.759  11.334  -2.606  1.00 16.47 ? 3  DC  A O2    1 
ATOM   53  N  N3    . DC  A 1 3  ? -2.381  11.193  -0.819  1.00 10.30 ? 3  DC  A N3    1 
ATOM   54  C  C4    . DC  A 1 3  ? -2.322  11.126  0.520   1.00 21.79 ? 3  DC  A C4    1 
ATOM   55  N  N4    . DC  A 1 3  ? -1.122  11.053  1.084   1.00 18.21 ? 3  DC  A N4    1 
ATOM   56  C  C5    . DC  A 1 3  ? -3.482  11.129  1.337   1.00 13.82 ? 3  DC  A C5    1 
ATOM   57  C  C6    . DC  A 1 3  ? -4.674  11.199  0.728   1.00 14.56 ? 3  DC  A C6    1 
ATOM   58  P  P     . DG  A 1 4  ? -9.381  8.137   -2.369  1.00 25.29 ? 4  DG  A P     1 
ATOM   59  O  OP1   . DG  A 1 4  ? -10.712 8.218   -2.920  1.00 31.24 ? 4  DG  A OP1   1 
ATOM   60  O  OP2   . DG  A 1 4  ? -8.810  7.340   -1.331  1.00 34.55 ? 4  DG  A OP2   1 
ATOM   61  O  "O5'" . DG  A 1 4  ? -8.414  7.792   -3.683  1.00 24.13 ? 4  DG  A "O5'" 1 
ATOM   62  C  "C5'" . DG  A 1 4  ? -8.506  8.510   -4.906  1.00 13.98 ? 4  DG  A "C5'" 1 
ATOM   63  C  "C4'" . DG  A 1 4  ? -7.387  7.922   -5.829  1.00 12.93 ? 4  DG  A "C4'" 1 
ATOM   64  O  "O4'" . DG  A 1 4  ? -6.083  8.178   -5.276  1.00 16.72 ? 4  DG  A "O4'" 1 
ATOM   65  C  "C3'" . DG  A 1 4  ? -7.515  6.470   -5.991  1.00 14.99 ? 4  DG  A "C3'" 1 
ATOM   66  O  "O3'" . DG  A 1 4  ? -7.079  6.212   -7.332  1.00 17.96 ? 4  DG  A "O3'" 1 
ATOM   67  C  "C2'" . DG  A 1 4  ? -6.575  5.812   -5.098  1.00 14.85 ? 4  DG  A "C2'" 1 
ATOM   68  C  "C1'" . DG  A 1 4  ? -5.467  6.898   -4.897  1.00 20.25 ? 4  DG  A "C1'" 1 
ATOM   69  N  N9    . DG  A 1 4  ? -4.912  7.101   -3.576  1.00 20.08 ? 4  DG  A N9    1 
ATOM   70  C  C8    . DG  A 1 4  ? -5.545  7.035   -2.344  1.00 11.04 ? 4  DG  A C8    1 
ATOM   71  N  N7    . DG  A 1 4  ? -4.760  7.270   -1.343  1.00 14.26 ? 4  DG  A N7    1 
ATOM   72  C  C5    . DG  A 1 4  ? -3.518  7.508   -1.919  1.00 8.73  ? 4  DG  A C5    1 
ATOM   73  C  C6    . DG  A 1 4  ? -2.254  7.820   -1.355  1.00 8.55  ? 4  DG  A C6    1 
ATOM   74  O  O6    . DG  A 1 4  ? -1.971  7.955   -0.169  1.00 14.23 ? 4  DG  A O6    1 
ATOM   75  N  N1    . DG  A 1 4  ? -1.289  7.972   -2.340  1.00 11.87 ? 4  DG  A N1    1 
ATOM   76  C  C2    . DG  A 1 4  ? -1.475  7.851   -3.675  1.00 14.49 ? 4  DG  A C2    1 
ATOM   77  N  N2    . DG  A 1 4  ? -0.426  8.032   -4.487  1.00 14.71 ? 4  DG  A N2    1 
ATOM   78  N  N3    . DG  A 1 4  ? -2.641  7.563   -4.220  1.00 14.09 ? 4  DG  A N3    1 
ATOM   79  C  C4    . DG  A 1 4  ? -3.596  7.408   -3.287  1.00 11.27 ? 4  DG  A C4    1 
ATOM   80  P  P     . DA  A 1 5  ? -7.057  4.739   -8.064  1.00 22.71 ? 5  DA  A P     1 
ATOM   81  O  OP1   . DA  A 1 5  ? -7.182  4.990   -9.482  1.00 23.48 ? 5  DA  A OP1   1 
ATOM   82  O  OP2   . DA  A 1 5  ? -7.801  3.842   -7.186  1.00 15.33 ? 5  DA  A OP2   1 
ATOM   83  O  "O5'" . DA  A 1 5  ? -5.506  4.118   -7.915  1.00 13.61 ? 5  DA  A "O5'" 1 
ATOM   84  C  "C5'" . DA  A 1 5  ? -4.629  4.930   -8.669  1.00 10.60 ? 5  DA  A "C5'" 1 
ATOM   85  C  "C4'" . DA  A 1 5  ? -3.225  4.308   -8.364  1.00 10.73 ? 5  DA  A "C4'" 1 
ATOM   86  O  "O4'" . DA  A 1 5  ? -2.886  4.687   -7.017  1.00 13.50 ? 5  DA  A "O4'" 1 
ATOM   87  C  "C3'" . DA  A 1 5  ? -3.161  2.863   -8.421  1.00 11.71 ? 5  DA  A "C3'" 1 
ATOM   88  O  "O3'" . DA  A 1 5  ? -1.942  2.602   -9.126  1.00 16.26 ? 5  DA  A "O3'" 1 
ATOM   89  C  "C2'" . DA  A 1 5  ? -2.970  2.317   -7.074  1.00 10.09 ? 5  DA  A "C2'" 1 
ATOM   90  C  "C1'" . DA  A 1 5  ? -2.327  3.515   -6.352  1.00 9.50  ? 5  DA  A "C1'" 1 
ATOM   91  N  N9    . DA  A 1 5  ? -2.580  3.743   -4.930  1.00 5.90  ? 5  DA  A N9    1 
ATOM   92  C  C8    . DA  A 1 5  ? -3.778  3.423   -4.380  1.00 9.32  ? 5  DA  A C8    1 
ATOM   93  N  N7    . DA  A 1 5  ? -3.532  3.611   -3.137  1.00 9.59  ? 5  DA  A N7    1 
ATOM   94  C  C5    . DA  A 1 5  ? -2.329  4.147   -2.809  1.00 9.76  ? 5  DA  A C5    1 
ATOM   95  C  C6    . DA  A 1 5  ? -1.624  4.547   -1.428  1.00 10.59 ? 5  DA  A C6    1 
ATOM   96  N  N6    . DA  A 1 5  ? -2.117  4.499   -0.355  1.00 10.98 ? 5  DA  A N6    1 
ATOM   97  N  N1    . DA  A 1 5  ? -0.436  4.908   -1.763  1.00 9.03  ? 5  DA  A N1    1 
ATOM   98  C  C2    . DA  A 1 5  ? 0.341   4.942   -2.998  1.00 10.39 ? 5  DA  A C2    1 
ATOM   99  N  N3    . DA  A 1 5  ? -0.398  4.511   -4.172  1.00 8.27  ? 5  DA  A N3    1 
ATOM   100 C  C4    . DA  A 1 5  ? -1.766  4.190   -4.023  1.00 6.43  ? 5  DA  A C4    1 
ATOM   101 P  P     . DA  A 1 6  ? -1.030  1.271   -9.430  1.00 12.80 ? 6  DA  A P     1 
ATOM   102 O  OP1   . DA  A 1 6  ? -0.513  1.416   -10.761 1.00 15.85 ? 6  DA  A OP1   1 
ATOM   103 O  OP2   . DA  A 1 6  ? -1.671  0.173   -8.776  1.00 11.83 ? 6  DA  A OP2   1 
ATOM   104 O  "O5'" . DA  A 1 6  ? 0.290   1.567   -8.446  1.00 12.12 ? 6  DA  A "O5'" 1 
ATOM   105 C  "C5'" . DA  A 1 6  ? 1.174   2.604   -8.832  1.00 10.17 ? 6  DA  A "C5'" 1 
ATOM   106 C  "C4'" . DA  A 1 6  ? 2.441   2.462   -7.938  1.00 12.55 ? 6  DA  A "C4'" 1 
ATOM   107 O  "O4'" . DA  A 1 6  ? 2.067   2.721   -6.558  1.00 9.97  ? 6  DA  A "O4'" 1 
ATOM   108 C  "C3'" . DA  A 1 6  ? 3.045   1.138   -7.999  1.00 13.38 ? 6  DA  A "C3'" 1 
ATOM   109 O  "O3'" . DA  A 1 6  ? 4.452   1.370   -7.983  1.00 13.43 ? 6  DA  A "O3'" 1 
ATOM   110 C  "C2'" . DA  A 1 6  ? 2.738   0.417   -6.765  1.00 10.18 ? 6  DA  A "C2'" 1 
ATOM   111 C  "C1'" . DA  A 1 6  ? 2.433   1.567   -5.766  1.00 9.75  ? 6  DA  A "C1'" 1 
ATOM   112 N  N9    . DA  A 1 6  ? 1.326   1.396   -4.895  1.00 10.84 ? 6  DA  A N9    1 
ATOM   113 C  C8    . DA  A 1 6  ? 0.082   0.924   -5.183  1.00 7.95  ? 6  DA  A C8    1 
ATOM   114 N  N7    . DA  A 1 6  ? -0.777  0.867   -4.142  1.00 8.70  ? 6  DA  A N7    1 
ATOM   115 C  C5    . DA  A 1 6  ? -0.103  1.347   -2.964  1.00 11.05 ? 6  DA  A C5    1 
ATOM   116 C  C6    . DA  A 1 6  ? -0.159  1.435   -1.751  1.00 9.38  ? 6  DA  A C6    1 
ATOM   117 N  N6    . DA  A 1 6  ? -1.530  1.195   -1.156  1.00 9.53  ? 6  DA  A N6    1 
ATOM   118 N  N1    . DA  A 1 6  ? 0.741   1.679   -0.818  1.00 10.72 ? 6  DA  A N1    1 
ATOM   119 C  C2    . DA  A 1 6  ? 1.750   2.011   -1.446  1.00 8.37  ? 6  DA  A C2    1 
ATOM   120 N  N3    . DA  A 1 6  ? 2.157   1.904   -2.806  1.00 9.12  ? 6  DA  A N3    1 
ATOM   121 C  C4    . DA  A 1 6  ? 0.997   1.565   -3.500  1.00 10.85 ? 6  DA  A C4    1 
ATOM   122 P  P     . DT  A 1 7  ? 5.642   0.210   -8.063  1.00 16.10 ? 7  DT  A P     1 
ATOM   123 O  OP1   . DT  A 1 7  ? 6.815   0.947   -8.496  1.00 15.41 ? 7  DT  A OP1   1 
ATOM   124 O  OP2   . DT  A 1 7  ? 5.031   -0.912  -8.728  1.00 12.42 ? 7  DT  A OP2   1 
ATOM   125 O  "O5'" . DT  A 1 7  ? 5.921   -0.289  -6.506  1.00 15.33 ? 7  DT  A "O5'" 1 
ATOM   126 C  "C5'" . DT  A 1 7  ? 6.462   0.742   -5.678  1.00 13.51 ? 7  DT  A "C5'" 1 
ATOM   127 C  "C4'" . DT  A 1 7  ? 6.460   0.199   -4.207  1.00 9.86  ? 7  DT  A "C4'" 1 
ATOM   128 O  "O4'" . DT  A 1 7  ? 5.112   0.017   -3.762  1.00 9.06  ? 7  DT  A "O4'" 1 
ATOM   129 C  "C3'" . DT  A 1 7  ? 7.116   -1.100  -4.057  1.00 18.94 ? 7  DT  A "C3'" 1 
ATOM   130 O  "O3'" . DT  A 1 7  ? 8.273   -0.870  -3.225  1.00 16.38 ? 7  DT  A "O3'" 1 
ATOM   131 C  "C2'" . DT  A 1 7  ? 6.230   -2.030  -3.327  1.00 8.27  ? 7  DT  A "C2'" 1 
ATOM   132 C  "C1'" . DT  A 1 7  ? 5.189   -1.084  -2.740  1.00 8.26  ? 7  DT  A "C1'" 1 
ATOM   133 N  N1    . DT  A 1 7  ? 3.785   -1.417  -2.563  1.00 12.42 ? 7  DT  A N1    1 
ATOM   134 C  C2    . DT  A 1 7  ? 3.258   -1.278  -1.305  1.00 13.46 ? 7  DT  A C2    1 
ATOM   135 O  O2    . DT  A 1 7  ? 3.950   -0.892  -0.384  1.00 12.55 ? 7  DT  A O2    1 
ATOM   136 N  N3    . DT  A 1 7  ? 1.938   -1.594  -1.171  1.00 14.46 ? 7  DT  A N3    1 
ATOM   137 C  C4    . DT  A 1 7  ? 1.138   -2.027  -2.210  1.00 11.69 ? 7  DT  A C4    1 
ATOM   138 O  O4    . DT  A 1 7  ? -0.012  -2.278  -1.965  1.00 13.39 ? 7  DT  A O4    1 
ATOM   139 C  C5    . DT  A 1 7  ? 1.742   -2.155  -3.500  1.00 10.71 ? 7  DT  A C5    1 
ATOM   140 C  C7    . DT  A 1 7  ? 0.905   -2.630  -4.650  1.00 16.99 ? 7  DT  A C7    1 
ATOM   141 C  C6    . DT  A 1 7  ? 3.030   -1.847  -3.636  1.00 9.71  ? 7  DT  A C6    1 
ATOM   142 P  P     . DT  A 1 8  ? 9.475   -1.995  -3.003  1.00 16.70 ? 8  DT  A P     1 
ATOM   143 O  OP1   . DT  A 1 8  ? 10.631  -1.245  -2.567  1.00 17.46 ? 8  DT  A OP1   1 
ATOM   144 O  OP2   . DT  A 1 8  ? 9.408   -2.930  -4.083  1.00 15.49 ? 8  DT  A OP2   1 
ATOM   145 O  "O5'" . DT  A 1 8  ? 8.967   -2.813  -1.658  1.00 12.86 ? 8  DT  A "O5'" 1 
ATOM   146 C  "C5'" . DT  A 1 8  ? 8.982   -2.061  -0.449  1.00 16.89 ? 8  DT  A "C5'" 1 
ATOM   147 C  "C4'" . DT  A 1 8  ? 8.228   -2.979  0.561   1.00 16.38 ? 8  DT  A "C4'" 1 
ATOM   148 O  "O4'" . DT  A 1 8  ? 6.832   -3.035  0.216   1.00 14.44 ? 8  DT  A "O4'" 1 
ATOM   149 C  "C3'" . DT  A 1 8  ? 8.677   -4.368  0.560   1.00 14.19 ? 8  DT  A "C3'" 1 
ATOM   150 O  "O3'" . DT  A 1 8  ? 9.330   -4.563  1.812   1.00 18.12 ? 8  DT  A "O3'" 1 
ATOM   151 C  "C2'" . DT  A 1 8  ? 7.536   -5.269  0.635   1.00 17.32 ? 8  DT  A "C2'" 1 
ATOM   152 C  "C1'" . DT  A 1 8  ? 6.361   -4.279  0.816   1.00 16.37 ? 8  DT  A "C1'" 1 
ATOM   153 N  N1    . DT  A 1 8  ? 5.113   -4.559  0.165   1.00 11.41 ? 8  DT  A N1    1 
ATOM   154 C  C2    . DT  A 1 8  ? 3.984   -4.560  0.955   1.00 16.60 ? 8  DT  A C2    1 
ATOM   155 O  O2    . DT  A 1 8  ? 4.053   -4.322  2.155   1.00 16.68 ? 8  DT  A O2    1 
ATOM   156 N  N3    . DT  A 1 8  ? 2.788   -4.832  0.323   1.00 16.77 ? 8  DT  A N3    1 
ATOM   157 C  C4    . DT  A 1 8  ? 2.679   -5.100  -1.034  1.00 18.14 ? 8  DT  A C4    1 
ATOM   158 O  O4    . DT  A 1 8  ? 1.557   -5.329  -1.474  1.00 15.79 ? 8  DT  A O4    1 
ATOM   159 C  C5    . DT  A 1 8  ? 3.898   -5.091  -1.805  1.00 16.87 ? 8  DT  A C5    1 
ATOM   160 C  C7    . DT  A 1 8  ? 3.792   -5.387  -3.282  1.00 9.05  ? 8  DT  A C7    1 
ATOM   161 C  C6    . DT  A 1 8  ? 5.077   -4.823  -1.198  1.00 14.04 ? 8  DT  A C6    1 
ATOM   162 P  P     . DC  A 1 9  ? 10.261  -5.863  2.156   1.00 24.46 ? 9  DC  A P     1 
ATOM   163 O  OP1   . DC  A 1 9  ? 11.048  -5.450  3.297   1.00 31.57 ? 9  DC  A OP1   1 
ATOM   164 O  OP2   . DC  A 1 9  ? 10.522  -6.646  0.986   1.00 19.46 ? 9  DC  A OP2   1 
ATOM   165 O  "O5'" . DC  A 1 9  ? 9.036   -6.759  2.917   1.00 18.79 ? 9  DC  A "O5'" 1 
ATOM   166 C  "C5'" . DC  A 1 9  ? 8.456   -6.170  4.094   1.00 10.59 ? 9  DC  A "C5'" 1 
ATOM   167 C  "C4'" . DC  A 1 9  ? 7.334   -7.206  4.421   1.00 20.17 ? 9  DC  A "C4'" 1 
ATOM   168 O  "O4'" . DC  A 1 9  ? 6.294   -6.969  3.436   1.00 23.36 ? 9  DC  A "O4'" 1 
ATOM   169 C  "C3'" . DC  A 1 9  ? 7.774   -8.567  4.327   1.00 17.78 ? 9  DC  A "C3'" 1 
ATOM   170 O  "O3'" . DC  A 1 9  ? 7.359   -9.338  5.451   1.00 21.54 ? 9  DC  A "O3'" 1 
ATOM   171 C  "C2'" . DC  A 1 9  ? 7.001   -9.232  3.238   1.00 19.02 ? 9  DC  A "C2'" 1 
ATOM   172 C  "C1'" . DC  A 1 9  ? 5.762   -8.257  3.151   1.00 15.54 ? 9  DC  A "C1'" 1 
ATOM   173 N  N1    . DC  A 1 9  ? 5.087   -8.391  1.854   1.00 15.77 ? 9  DC  A N1    1 
ATOM   174 C  C2    . DC  A 1 9  ? 3.693   -8.467  1.851   1.00 22.48 ? 9  DC  A C2    1 
ATOM   175 O  O2    . DC  A 1 9  ? 3.090   -8.413  2.932   1.00 18.32 ? 9  DC  A O2    1 
ATOM   176 N  N3    . DC  A 1 9  ? 3.016   -8.593  0.684   1.00 13.68 ? 9  DC  A N3    1 
ATOM   177 C  C4    . DC  A 1 9  ? 3.711   -8.653  -0.468  1.00 15.53 ? 9  DC  A C4    1 
ATOM   178 N  N4    . DC  A 1 9  ? 2.970   -8.779  -1.579  1.00 13.48 ? 9  DC  A N4    1 
ATOM   179 C  C5    . DC  A 1 9  ? 5.123   -8.579  -0.510  1.00 13.53 ? 9  DC  A C5    1 
ATOM   180 C  C6    . DC  A 1 9  ? 5.777   -8.453  0.671   1.00 16.30 ? 9  DC  A C6    1 
ATOM   181 P  P     . DG  A 1 10 ? 8.321   -10.012 6.608   1.00 22.51 ? 10 DG  A P     1 
ATOM   182 O  OP1   . DG  A 1 10 ? 8.808   -8.914  7.388   1.00 42.81 ? 10 DG  A OP1   1 
ATOM   183 O  OP2   . DG  A 1 10 ? 8.850   -11.248 6.144   1.00 27.95 ? 10 DG  A OP2   1 
ATOM   184 O  "O5'" . DG  A 1 10 ? 6.943   -10.505 7.412   1.00 20.34 ? 10 DG  A "O5'" 1 
ATOM   185 C  "C5'" . DG  A 1 10 ? 6.158   -9.474  8.015   1.00 18.11 ? 10 DG  A "C5'" 1 
ATOM   186 C  "C4'" . DG  A 1 10 ? 4.716   -10.090 8.037   1.00 22.84 ? 10 DG  A "C4'" 1 
ATOM   187 O  "O4'" . DG  A 1 10 ? 4.203   -10.150 6.693   1.00 21.02 ? 10 DG  A "O4'" 1 
ATOM   188 C  "C3'" . DG  A 1 10 ? 4.665   -11.447 8.542   1.00 26.72 ? 10 DG  A "C3'" 1 
ATOM   189 O  "O3'" . DG  A 1 10 ? 3.396   -11.559 9.182   1.00 35.44 ? 10 DG  A "O3'" 1 
ATOM   190 C  "C2'" . DG  A 1 10 ? 4.603   -12.393 7.426   1.00 16.83 ? 10 DG  A "C2'" 1 
ATOM   191 C  "C1'" . DG  A 1 10 ? 3.794   -11.532 6.432   1.00 16.61 ? 10 DG  A "C1'" 1 
ATOM   192 N  N9    . DG  A 1 10 ? 3.991   -11.701 5.011   1.00 16.50 ? 10 DG  A N9    1 
ATOM   193 C  C8    . DG  A 1 10 ? 5.118   -11.926 4.261   1.00 21.15 ? 10 DG  A C8    1 
ATOM   194 N  N7    . DG  A 1 10 ? 4.871   -12.022 2.977   1.00 22.66 ? 10 DG  A N7    1 
ATOM   195 C  C5    . DG  A 1 10 ? 3.492   -11.849 2.881   1.00 19.86 ? 10 DG  A C5    1 
ATOM   196 C  C6    . DG  A 1 10 ? 2.643   -11.848 1.750   1.00 14.53 ? 10 DG  A C6    1 
ATOM   197 O  O6    . DG  A 1 10 ? 2.987   -12.011 0.575   1.00 16.96 ? 10 DG  A O6    1 
ATOM   198 N  N1    . DG  A 1 10 ? 1.302   -11.634 2.095   1.00 17.81 ? 10 DG  A N1    1 
ATOM   199 C  C2    . DG  A 1 10 ? 0.864   -11.446 3.385   1.00 15.34 ? 10 DG  A C2    1 
ATOM   200 N  N2    . DG  A 1 10 ? -0.453  -11.253 3.556   1.00 16.60 ? 10 DG  A N2    1 
ATOM   201 N  N3    . DG  A 1 10 ? 1.636   -11.440 4.463   1.00 13.02 ? 10 DG  A N3    1 
ATOM   202 C  C4    . DG  A 1 10 ? 2.932   -11.649 4.117   1.00 13.98 ? 10 DG  A C4    1 
ATOM   203 P  P     . DC  A 1 11 ? 3.331   -12.222 10.691  1.00 30.67 ? 11 DC  A P     1 
ATOM   204 O  OP1   . DC  A 1 11 ? 3.666   -11.150 11.589  1.00 37.69 ? 11 DC  A OP1   1 
ATOM   205 O  OP2   . DC  A 1 11 ? 3.680   -13.600 10.513  1.00 37.52 ? 11 DC  A OP2   1 
ATOM   206 O  "O5'" . DC  A 1 11 ? 1.667   -12.197 10.583  1.00 24.05 ? 11 DC  A "O5'" 1 
ATOM   207 C  "C5'" . DC  A 1 11 ? 1.007   -10.950 10.395  1.00 14.55 ? 11 DC  A "C5'" 1 
ATOM   208 C  "C4'" . DC  A 1 11 ? -0.383  -11.307 9.778   1.00 15.66 ? 11 DC  A "C4'" 1 
ATOM   209 O  "O4'" . DC  A 1 11 ? -0.192  -11.617 8.388   1.00 19.90 ? 11 DC  A "O4'" 1 
ATOM   210 C  "C3'" . DC  A 1 11 ? -0.999  -12.461 10.408  1.00 13.28 ? 11 DC  A "C3'" 1 
ATOM   211 O  "O3'" . DC  A 1 11 ? -2.370  -12.117 10.601  1.00 13.71 ? 11 DC  A "O3'" 1 
ATOM   212 C  "C2'" . DC  A 1 11 ? -1.058  -13.583 9.469   1.00 17.72 ? 11 DC  A "C2'" 1 
ATOM   213 C  "C1'" . DC  A 1 11 ? -0.879  -12.893 8.118   1.00 19.17 ? 11 DC  A "C1'" 1 
ATOM   214 N  N1    . DC  A 1 11 ? -0.066  -13.550 7.093   1.00 13.56 ? 11 DC  A N1    1 
ATOM   215 C  C2    . DC  A 1 11 ? -0.607  -13.747 5.822   1.00 17.73 ? 11 DC  A C2    1 
ATOM   216 O  O2    . DC  A 1 11 ? -1.767  -13.356 5.572   1.00 12.59 ? 11 DC  A O2    1 
ATOM   217 N  N3    . DC  A 1 11 ? 0.164   -14.357 4.885   1.00 13.97 ? 11 DC  A N3    1 
ATOM   218 C  C4    . DC  A 1 11 ? 1.400   -14.751 5.197   1.00 16.69 ? 11 DC  A C4    1 
ATOM   219 N  N4    . DC  A 1 11 ? 2.124   -15.351 4.247   1.00 17.17 ? 11 DC  A N4    1 
ATOM   220 C  C5    . DC  A 1 11 ? 1.978   -14.572 6.487   1.00 9.98  ? 11 DC  A C5    1 
ATOM   221 C  C6    . DC  A 1 11 ? 1.199   -13.970 7.385   1.00 11.92 ? 11 DC  A C6    1 
ATOM   222 P  P     . DG  A 1 12 ? -3.625  -13.014 11.142  1.00 15.24 ? 12 DG  A P     1 
ATOM   223 O  OP1   . DG  A 1 12 ? -4.534  -11.985 11.676  1.00 12.81 ? 12 DG  A OP1   1 
ATOM   224 O  OP2   . DG  A 1 12 ? -3.157  -14.201 11.780  1.00 15.87 ? 12 DG  A OP2   1 
ATOM   225 O  "O5'" . DG  A 1 12 ? -4.278  -13.522 9.695   1.00 12.92 ? 12 DG  A "O5'" 1 
ATOM   226 C  "C5'" . DG  A 1 12 ? -5.030  -12.652 8.847   1.00 14.58 ? 12 DG  A "C5'" 1 
ATOM   227 C  "C4'" . DG  A 1 12 ? -6.117  -13.529 8.131   1.00 12.43 ? 12 DG  A "C4'" 1 
ATOM   228 O  "O4'" . DG  A 1 12 ? -5.547  -14.399 7.145   1.00 15.50 ? 12 DG  A "O4'" 1 
ATOM   229 C  "C3'" . DG  A 1 12 ? -6.819  -14.390 9.087   1.00 9.60  ? 12 DG  A "C3'" 1 
ATOM   230 O  "O3'" . DG  A 1 12 ? -8.177  -14.384 8.642   1.00 17.37 ? 12 DG  A "O3'" 1 
ATOM   231 C  "C2'" . DG  A 1 12 ? -6.287  -15.749 8.965   1.00 12.71 ? 12 DG  A "C2'" 1 
ATOM   232 C  "C1'" . DG  A 1 12 ? -5.633  -15.813 7.594   1.00 14.09 ? 12 DG  A "C1'" 1 
ATOM   233 N  N9    . DG  A 1 12 ? -4.242  -16.174 7.351   1.00 8.50  ? 12 DG  A N9    1 
ATOM   234 C  C8    . DG  A 1 12 ? -3.188  -16.020 8.229   1.00 11.08 ? 12 DG  A C8    1 
ATOM   235 N  N7    . DG  A 1 12 ? -2.064  -16.442 7.708   1.00 13.00 ? 12 DG  A N7    1 
ATOM   236 C  C5    . DG  A 1 12 ? -2.385  -16.893 6.435   1.00 10.42 ? 12 DG  A C5    1 
ATOM   237 C  C6    . DG  A 1 12 ? -1.575  -17.454 5.417   1.00 11.17 ? 12 DG  A C6    1 
ATOM   238 O  O6    . DG  A 1 12 ? -0.348  -17.664 5.476   1.00 12.04 ? 12 DG  A O6    1 
ATOM   239 N  N1    . DG  A 1 12 ? -2.312  -17.779 4.269   1.00 13.73 ? 12 DG  A N1    1 
ATOM   240 C  C2    . DG  A 1 12 ? -3.671  -17.571 4.146   1.00 13.88 ? 12 DG  A C2    1 
ATOM   241 N  N2    . DG  A 1 12 ? -4.256  -17.923 2.999   1.00 7.13  ? 12 DG  A N2    1 
ATOM   242 N  N3    . DG  A 1 12 ? -4.428  -17.047 5.092   1.00 10.45 ? 12 DG  A N3    1 
ATOM   243 C  C4    . DG  A 1 12 ? -3.744  -16.728 6.207   1.00 8.28  ? 12 DG  A C4    1 
ATOM   244 O  "O5'" . DC  B 1 1  ? 1.296   -21.954 -2.066  1.00 56.80 ? 13 DC  B "O5'" 1 
ATOM   245 C  "C5'" . DC  B 1 1  ? 0.294   -22.759 -2.669  1.00 27.16 ? 13 DC  B "C5'" 1 
ATOM   246 C  "C4'" . DC  B 1 1  ? -1.078  -22.068 -2.588  1.00 26.60 ? 13 DC  B "C4'" 1 
ATOM   247 O  "O4'" . DC  B 1 1  ? -1.268  -21.574 -1.257  1.00 18.81 ? 13 DC  B "O4'" 1 
ATOM   248 C  "C3'" . DC  B 1 1  ? -1.164  -20.925 -3.494  1.00 20.96 ? 13 DC  B "C3'" 1 
ATOM   249 O  "O3'" . DC  B 1 1  ? -2.502  -20.970 -3.974  1.00 21.04 ? 13 DC  B "O3'" 1 
ATOM   250 C  "C2'" . DC  B 1 1  ? -1.020  -19.685 -2.723  1.00 15.60 ? 13 DC  B "C2'" 1 
ATOM   251 C  "C1'" . DC  B 1 1  ? -1.435  -20.132 -1.306  1.00 15.49 ? 13 DC  B "C1'" 1 
ATOM   252 N  N1    . DC  B 1 1  ? -0.674  -19.628 -0.158  1.00 13.80 ? 13 DC  B N1    1 
ATOM   253 C  C2    . DC  B 1 1  ? -1.365  -19.083 0.918   1.00 14.41 ? 13 DC  B C2    1 
ATOM   254 O  O2    . DC  B 1 1  ? -2.601  -19.030 0.892   1.00 14.94 ? 13 DC  B O2    1 
ATOM   255 N  N3    . DC  B 1 1  ? -0.713  -18.604 2.002   1.00 9.68  ? 13 DC  B N3    1 
ATOM   256 C  C4    . DC  B 1 1  ? 0.618   -18.675 1.994   1.00 15.87 ? 13 DC  B C4    1 
ATOM   257 N  N4    . DC  B 1 1  ? 1.247   -18.197 3.072   1.00 18.76 ? 13 DC  B N4    1 
ATOM   258 C  C5    . DC  B 1 1  ? 1.366   -19.226 0.913   1.00 15.98 ? 13 DC  B C5    1 
ATOM   259 C  C6    . DC  B 1 1  ? 0.705   -19.698 -0.159  1.00 17.97 ? 13 DC  B C6    1 
ATOM   260 P  P     . DG  B 1 2  ? -2.966  -20.045 -5.263  1.00 22.22 ? 14 DG  B P     1 
ATOM   261 O  OP1   . DG  B 1 2  ? -4.080  -20.747 -5.840  1.00 25.58 ? 14 DG  B OP1   1 
ATOM   262 O  OP2   . DG  B 1 2  ? -1.774  -19.471 -5.820  1.00 23.14 ? 14 DG  B OP2   1 
ATOM   263 O  "O5'" . DG  B 1 2  ? -3.634  -18.822 -4.348  1.00 12.65 ? 14 DG  B "O5'" 1 
ATOM   264 C  "C5'" . DG  B 1 2  ? -4.904  -18.998 -3.703  1.00 12.45 ? 14 DG  B "C5'" 1 
ATOM   265 C  "C4'" . DG  B 1 2  ? -5.046  -17.679 -2.865  1.00 15.92 ? 14 DG  B "C4'" 1 
ATOM   266 O  "O4'" . DG  B 1 2  ? -3.953  -17.527 -1.953  1.00 11.83 ? 14 DG  B "O4'" 1 
ATOM   267 C  "C3'" . DG  B 1 2  ? -5.045  -16.495 -3.726  1.00 14.15 ? 14 DG  B "C3'" 1 
ATOM   268 O  "O3'" . DG  B 1 2  ? -6.377  -15.991 -3.658  1.00 17.10 ? 14 DG  B "O3'" 1 
ATOM   269 C  "C2'" . DG  B 1 2  ? -4.155  -15.487 -3.141  1.00 12.92 ? 14 DG  B "C2'" 1 
ATOM   270 C  "C1'" . DG  B 1 2  ? -3.775  -16.074 -1.767  1.00 9.70  ? 14 DG  B "C1'" 1 
ATOM   271 N  N9    . DG  B 1 2  ? -2.437  -15.913 -1.232  1.00 12.85 ? 14 DG  B N9    1 
ATOM   272 C  C8    . DG  B 1 2  ? -1.244  -16.118 -1.888  1.00 18.99 ? 14 DG  B C8    1 
ATOM   273 N  N7    . DG  B 1 2  ? -0.184  -15.895 -1.156  1.00 14.95 ? 14 DG  B N7    1 
ATOM   274 C  C5    . DG  B 1 2  ? -0.703  -15.509 0.091   1.00 9.83  ? 14 DG  B C5    1 
ATOM   275 C  C6    . DG  B 1 2  ? -0.010  -15.146 1.278   1.00 11.97 ? 14 DG  B C6    1 
ATOM   276 O  O6    . DG  B 1 2  ? 1.218   -15.089 1.470   1.00 12.64 ? 14 DG  B O6    1 
ATOM   277 N  N1    . DG  B 1 2  ? -0.888  -14.819 2.329   1.00 12.93 ? 14 DG  B N1    1 
ATOM   278 C  C2    . DG  B 1 2  ? -2.258  -14.870 2.154   1.00 8.15  ? 14 DG  B C2    1 
ATOM   279 N  N2    . DG  B 1 2  ? -2.977  -14.538 3.226   1.00 9.49  ? 14 DG  B N2    1 
ATOM   280 N  N3    . DG  B 1 2  ? -2.930  -15.208 1.050   1.00 9.48  ? 14 DG  B N3    1 
ATOM   281 C  C4    . DG  B 1 2  ? -2.083  -15.521 0.044   1.00 8.16  ? 14 DG  B C4    1 
ATOM   282 P  P     . DC  B 1 3  ? -6.884  -14.591 -4.361  1.00 19.46 ? 15 DC  B P     1 
ATOM   283 O  OP1   . DC  B 1 3  ? -8.329  -14.650 -4.312  1.00 21.77 ? 15 DC  B OP1   1 
ATOM   284 O  OP2   . DC  B 1 3  ? -5.946  -14.305 -5.404  1.00 17.96 ? 15 DC  B OP2   1 
ATOM   285 O  "O5'" . DC  B 1 3  ? -6.482  -13.507 -3.169  1.00 18.11 ? 15 DC  B "O5'" 1 
ATOM   286 C  "C5'" . DC  B 1 3  ? -7.125  -13.638 -1.901  1.00 11.69 ? 15 DC  B "C5'" 1 
ATOM   287 C  "C4'" . DC  B 1 3  ? -6.349  -12.686 -0.955  1.00 10.12 ? 15 DC  B "C4'" 1 
ATOM   288 O  "O4'" . DC  B 1 3  ? -4.989  -13.101 -0.893  1.00 15.70 ? 15 DC  B "O4'" 1 
ATOM   289 C  "C3'" . DC  B 1 3  ? -6.239  -11.288 -1.395  1.00 15.61 ? 15 DC  B "C3'" 1 
ATOM   290 O  "O3'" . DC  B 1 3  ? -7.429  -10.625 -0.993  1.00 14.70 ? 15 DC  B "O3'" 1 
ATOM   291 C  "C2'" . DC  B 1 3  ? -5.112  -10.709 -0.645  1.00 15.23 ? 15 DC  B "C2'" 1 
ATOM   292 C  "C1'" . DC  B 1 3  ? -4.289  -11.971 -0.268  1.00 18.75 ? 15 DC  B "C1'" 1 
ATOM   293 N  N1    . DC  B 1 3  ? -2.893  -12.029 -0.691  1.00 14.28 ? 15 DC  B N1    1 
ATOM   294 C  C2    . DC  B 1 3  ? -1.919  -11.817 0.276   1.00 13.88 ? 15 DC  B C2    1 
ATOM   295 O  O2    . DC  B 1 3  ? -2.282  -11.601 1.443   1.00 12.63 ? 15 DC  B O2    1 
ATOM   296 N  N3    . DC  B 1 3  ? -0.607  -11.859 -0.070  1.00 10.61 ? 15 DC  B N3    1 
ATOM   297 C  C4    . DC  B 1 3  ? -0.278  -12.092 -1.333  1.00 11.01 ? 15 DC  B C4    1 
ATOM   298 N  N4    . DC  B 1 3  ? 1.042   -12.117 -1.599  1.00 14.96 ? 15 DC  B N4    1 
ATOM   299 C  C5    . DC  B 1 3  ? -1.250  -12.306 -2.349  1.00 19.18 ? 15 DC  B C5    1 
ATOM   300 C  C6    . DC  B 1 3  ? -2.547  -12.270 -2.004  1.00 18.64 ? 15 DC  B C6    1 
ATOM   301 P  P     . DG  B 1 4  ? -7.918  -9.103  -1.440  1.00 18.10 ? 16 DG  B P     1 
ATOM   302 O  OP1   . DG  B 1 4  ? -9.330  -9.063  -1.204  1.00 25.41 ? 16 DG  B OP1   1 
ATOM   303 O  OP2   . DG  B 1 4  ? -7.022  -8.691  -2.487  1.00 18.15 ? 16 DG  B OP2   1 
ATOM   304 O  "O5'" . DG  B 1 4  ? -7.337  -8.214  -0.121  1.00 14.98 ? 16 DG  B "O5'" 1 
ATOM   305 C  "C5'" . DG  B 1 4  ? -7.834  -8.570  1.167   1.00 19.50 ? 16 DG  B "C5'" 1 
ATOM   306 C  "C4'" . DG  B 1 4  ? -6.906  -7.811  2.165   1.00 15.82 ? 16 DG  B "C4'" 1 
ATOM   307 O  "O4'" . DG  B 1 4  ? -5.555  -8.267  1.980   1.00 12.39 ? 16 DG  B "O4'" 1 
ATOM   308 C  "C3'" . DG  B 1 4  ? -6.909  -6.372  1.951   1.00 13.36 ? 16 DG  B "C3'" 1 
ATOM   309 O  "O3'" . DG  B 1 4  ? -6.558  -5.722  3.163   1.00 18.82 ? 16 DG  B "O3'" 1 
ATOM   310 C  "C2'" . DG  B 1 4  ? -5.778  -6.058  1.079   1.00 11.55 ? 16 DG  B "C2'" 1 
ATOM   311 C  "C1'" . DG  B 1 4  ? -4.754  -7.136  1.591   1.00 8.93  ? 16 DG  B "C1'" 1 
ATOM   312 N  N9    . DG  B 1 4  ? -3.771  -7.504  0.611   1.00 11.04 ? 16 DG  B N9    1 
ATOM   313 C  C8    . DG  B 1 4  ? -3.919  -7.637  -0.756  1.00 13.65 ? 16 DG  B C8    1 
ATOM   314 N  N7    . DG  B 1 4  ? -2.832  -7.986  -1.388  1.00 13.31 ? 16 DG  B N7    1 
ATOM   315 C  C5    . DG  B 1 4  ? -1.889  -8.089  -0.364  1.00 10.61 ? 16 DG  B C5    1 
ATOM   316 C  C6    . DG  B 1 4  ? -0.528  -8.433  -0.439  1.00 10.50 ? 16 DG  B C6    1 
ATOM   317 O  O6    . DG  B 1 4  ? 0.172   -8.726  -1.400  1.00 10.93 ? 16 DG  B O6    1 
ATOM   318 N  N1    . DG  B 1 4  ? 0.067   -8.417  0.824   1.00 15.85 ? 16 DG  B N1    1 
ATOM   319 C  C2    . DG  B 1 4  ? -0.578  -8.110  1.994   1.00 12.50 ? 16 DG  B C2    1 
ATOM   320 N  N2    . DG  B 1 4  ? 0.180   -8.155  3.104   1.00 13.43 ? 16 DG  B N2    1 
ATOM   321 N  N3    . DG  B 1 4  ? -1.859  -7.786  2.076   1.00 14.57 ? 16 DG  B N3    1 
ATOM   322 C  C4    . DG  B 1 4  ? -2.447  -7.797  0.853   1.00 10.59 ? 16 DG  B C4    1 
ATOM   323 P  P     . DA  B 1 5  ? -7.379  -4.473  3.800   1.00 18.81 ? 17 DA  B P     1 
ATOM   324 O  OP1   . DA  B 1 5  ? -8.598  -5.008  4.357   1.00 23.24 ? 17 DA  B OP1   1 
ATOM   325 O  OP2   . DA  B 1 5  ? -7.189  -3.340  2.914   1.00 20.82 ? 17 DA  B OP2   1 
ATOM   326 O  "O5'" . DA  B 1 5  ? -6.396  -4.220  5.100   1.00 13.91 ? 17 DA  B "O5'" 1 
ATOM   327 C  "C5'" . DA  B 1 5  ? -6.306  -5.143  6.197   1.00 11.34 ? 17 DA  B "C5'" 1 
ATOM   328 C  "C4'" . DA  B 1 5  ? -4.890  -4.859  6.802   1.00 17.22 ? 17 DA  B "C4'" 1 
ATOM   329 O  "O4'" . DA  B 1 5  ? -3.884  -5.370  5.926   1.00 21.81 ? 17 DA  B "O4'" 1 
ATOM   330 C  "C3'" . DA  B 1 5  ? -4.696  -3.423  6.973   1.00 20.21 ? 17 DA  B "C3'" 1 
ATOM   331 O  "O3'" . DA  B 1 5  ? -4.278  -3.211  8.316   1.00 20.32 ? 17 DA  B "O3'" 1 
ATOM   332 C  "C2'" . DA  B 1 5  ? -3.555  -2.997  6.173   1.00 23.77 ? 17 DA  B "C2'" 1 
ATOM   333 C  "C1'" . DA  B 1 5  ? -2.943  -4.293  5.628   1.00 27.84 ? 17 DA  B "C1'" 1 
ATOM   334 N  N9    . DA  B 1 5  ? -2.697  -4.313  4.200   1.00 28.53 ? 17 DA  B N9    1 
ATOM   335 C  C8    . DA  B 1 5  ? -3.623  -4.088  3.224   1.00 26.24 ? 17 DA  B C8    1 
ATOM   336 N  N7    . DA  B 1 5  ? -3.138  -4.165  2.006   1.00 16.04 ? 17 DA  B N7    1 
ATOM   337 C  C5    . DA  B 1 5  ? -1.789  -4.457  2.185   1.00 13.29 ? 17 DA  B C5    1 
ATOM   338 C  C6    . DA  B 1 5  ? -0.695  -4.671  1.325   1.00 14.73 ? 17 DA  B C6    1 
ATOM   339 N  N6    . DA  B 1 5  ? -0.775  -4.624  -0.001  1.00 14.58 ? 17 DA  B N6    1 
ATOM   340 N  N1    . DA  B 1 5  ? 0.528   -4.947  1.838   1.00 15.30 ? 17 DA  B N1    1 
ATOM   341 C  C2    . DA  B 1 5  ? 0.643   -5.004  3.181   1.00 18.14 ? 17 DA  B C2    1 
ATOM   342 N  N3    . DA  B 1 5  ? -0.322  -4.820  4.091   1.00 15.09 ? 17 DA  B N3    1 
ATOM   343 C  C4    . DA  B 1 5  ? -1.507  -4.550  3.548   1.00 15.25 ? 17 DA  B C4    1 
ATOM   344 P  P     . DA  B 1 6  ? -4.063  -1.651  8.853   1.00 27.80 ? 18 DA  B P     1 
ATOM   345 O  OP1   . DA  B 1 6  ? -4.172  -1.743  10.272  1.00 45.61 ? 18 DA  B OP1   1 
ATOM   346 O  OP2   . DA  B 1 6  ? -4.696  -0.821  7.855   1.00 37.16 ? 18 DA  B OP2   1 
ATOM   347 O  "O5'" . DA  B 1 6  ? -2.436  -1.461  8.500   1.00 19.46 ? 18 DA  B "O5'" 1 
ATOM   348 C  "C5'" . DA  B 1 6  ? -1.442  -2.124  9.267   1.00 16.42 ? 18 DA  B "C5'" 1 
ATOM   349 C  "C4'" . DA  B 1 6  ? -0.095  -1.680  8.608   1.00 17.39 ? 18 DA  B "C4'" 1 
ATOM   350 O  "O4'" . DA  B 1 6  ? -0.132  -1.995  7.208   1.00 16.28 ? 18 DA  B "O4'" 1 
ATOM   351 C  "C3'" . DA  B 1 6  ? 0.157   -0.242  8.721   1.00 15.01 ? 18 DA  B "C3'" 1 
ATOM   352 O  "O3'" . DA  B 1 6  ? 1.536   -0.170  9.050   1.00 16.06 ? 18 DA  B "O3'" 1 
ATOM   353 C  "C2'" . DA  B 1 6  ? -0.020  0.364   7.403   1.00 14.55 ? 18 DA  B "C2'" 1 
ATOM   354 C  "C1'" . DA  B 1 6  ? 0.334   -0.800  6.474   1.00 12.40 ? 18 DA  B "C1'" 1 
ATOM   355 N  N9    . DA  B 1 6  ? -0.283  -0.872  5.179   1.00 15.78 ? 18 DA  B N9    1 
ATOM   356 C  C8    . DA  B 1 6  ? -1.614  -0.634  4.965   1.00 19.14 ? 18 DA  B C8    1 
ATOM   357 N  N7    . DA  B 1 6  ? -1.952  -0.759  3.699   1.00 16.71 ? 18 DA  B N7    1 
ATOM   358 C  C5    . DA  B 1 6  ? -0.766  -1.099  3.047   1.00 13.16 ? 18 DA  B C5    1 
ATOM   359 C  C6    . DA  B 1 6  ? -0.464  -1.363  1.696   1.00 14.83 ? 18 DA  B C6    1 
ATOM   360 N  N6    . DA  B 1 6  ? -1.363  -1.333  0.696   1.00 11.52 ? 18 DA  B N6    1 
ATOM   361 N  N1    . DA  B 1 6  ? 0.816   -1.657  1.442   1.00 14.32 ? 18 DA  B N1    1 
ATOM   362 C  C2    . DA  B 1 6  ? 1.746   -1.699  2.410   1.00 10.25 ? 18 DA  B C2    1 
ATOM   363 N  N3    . DA  B 1 6  ? 1.562   -1.465  3.714   1.00 11.86 ? 18 DA  B N3    1 
ATOM   364 C  C4    . DA  B 1 6  ? 0.276   -1.170  3.960   1.00 13.26 ? 18 DA  B C4    1 
ATOM   365 P  P     . DT  B 1 7  ? 2.337   1.185   9.573   1.00 25.57 ? 19 DT  B P     1 
ATOM   366 O  OP1   . DT  B 1 7  ? 3.440   0.683   10.364  1.00 28.79 ? 19 DT  B OP1   1 
ATOM   367 O  OP2   . DT  B 1 7  ? 1.265   2.120   9.739   1.00 26.68 ? 19 DT  B OP2   1 
ATOM   368 O  "O5'" . DT  B 1 7  ? 3.055   1.543   8.123   1.00 15.33 ? 19 DT  B "O5'" 1 
ATOM   369 C  "C5'" . DT  B 1 7  ? 4.086   0.667   7.665   1.00 14.46 ? 19 DT  B "C5'" 1 
ATOM   370 C  "C4'" . DT  B 1 7  ? 4.516   1.260   6.284   1.00 8.93  ? 19 DT  B "C4'" 1 
ATOM   371 O  "O4'" . DT  B 1 7  ? 3.423   1.096   5.402   1.00 11.17 ? 19 DT  B "O4'" 1 
ATOM   372 C  "C3'" . DT  B 1 7  ? 4.800   2.691   6.303   1.00 11.87 ? 19 DT  B "C3'" 1 
ATOM   373 O  "O3'" . DT  B 1 7  ? 6.205   2.773   6.076   1.00 13.10 ? 19 DT  B "O3'" 1 
ATOM   374 C  "C2'" . DT  B 1 7  ? 4.149   3.327   5.165   1.00 11.96 ? 19 DT  B "C2'" 1 
ATOM   375 C  "C1'" . DT  B 1 7  ? 3.560   2.141   4.371   1.00 13.07 ? 19 DT  B "C1'" 1 
ATOM   376 N  N1    . DT  B 1 7  ? 2.254   2.182   3.756   1.00 8.80  ? 19 DT  B N1    1 
ATOM   377 C  C2    . DT  B 1 7  ? 2.154   1.928   2.405   1.00 12.90 ? 19 DT  B C2    1 
ATOM   378 O  O2    . DT  B 1 7  ? 3.142   1.664   1.729   1.00 9.66  ? 19 DT  B O2    1 
ATOM   379 N  N3    . DT  B 1 7  ? 0.887   1.988   1.896   1.00 7.34  ? 19 DT  B N3    1 
ATOM   380 C  C4    . DT  B 1 7  ? -0.286  2.276   2.570   1.00 9.70  ? 19 DT  B C4    1 
ATOM   381 O  O4    . DT  B 1 7  ? -1.342  2.287   1.957   1.00 10.04 ? 19 DT  B O4    1 
ATOM   382 C  C5    . DT  B 1 7  ? -0.126  2.539   3.977   1.00 12.50 ? 19 DT  B C5    1 
ATOM   383 C  C7    . DT  B 1 7  ? -1.335  2.859   4.815   1.00 10.63 ? 19 DT  B C7    1 
ATOM   384 C  C6    . DT  B 1 7  ? 1.115   2.475   4.474   1.00 10.30 ? 19 DT  B C6    1 
ATOM   385 P  P     . DT  B 1 8  ? 7.030   4.218   6.051   1.00 14.79 ? 20 DT  B P     1 
ATOM   386 O  OP1   . DT  B 1 8  ? 8.399   3.803   6.160   1.00 18.89 ? 20 DT  B OP1   1 
ATOM   387 O  OP2   . DT  B 1 8  ? 6.202   5.106   6.807   1.00 13.11 ? 20 DT  B OP2   1 
ATOM   388 O  "O5'" . DT  B 1 8  ? 6.907   4.725   4.465   1.00 10.06 ? 20 DT  B "O5'" 1 
ATOM   389 C  "C5'" . DT  B 1 8  ? 7.499   3.883   3.474   1.00 7.62  ? 20 DT  B "C5'" 1 
ATOM   390 C  "C4'" . DT  B 1 8  ? 6.999   4.432   2.095   1.00 9.27  ? 20 DT  B "C4'" 1 
ATOM   391 O  "O4'" . DT  B 1 8  ? 5.576   4.252   1.998   1.00 9.83  ? 20 DT  B "O4'" 1 
ATOM   392 C  "C3'" . DT  B 1 8  ? 7.238   5.858   1.900   1.00 10.16 ? 20 DT  B "C3'" 1 
ATOM   393 O  "O3'" . DT  B 1 8  ? 8.252   5.919   0.892   1.00 11.62 ? 20 DT  B "O3'" 1 
ATOM   394 C  "C2'" . DT  B 1 8  ? 6.032   6.485   1.343   1.00 9.21  ? 20 DT  B "C2'" 1 
ATOM   395 C  "C1'" . DT  B 1 8  ? 5.093   5.288   1.051   1.00 9.14  ? 20 DT  B "C1'" 1 
ATOM   396 N  N1    . DT  B 1 8  ? 3.661   5.346   1.272   1.00 8.64  ? 20 DT  B N1    1 
ATOM   397 C  C2    . DT  B 1 8  ? 2.822   5.097   0.203   1.00 7.22  ? 20 DT  B C2    1 
ATOM   398 O  O2    . DT  B 1 8  ? 3.289   4.829   -0.896  1.00 8.48  ? 20 DT  B O2    1 
ATOM   399 N  N3    . DT  B 1 8  ? 1.465   5.151   0.415   1.00 7.49  ? 20 DT  B N3    1 
ATOM   400 C  C4    . DT  B 1 8  ? 0.898   5.457   1.646   1.00 10.02 ? 20 DT  B C4    1 
ATOM   401 O  O4    . DT  B 1 8  ? -0.323  5.480   1.713   1.00 9.38  ? 20 DT  B O4    1 
ATOM   402 C  C5    . DT  B 1 8  ? 1.816   5.716   2.731   1.00 9.24  ? 20 DT  B C5    1 
ATOM   403 C  C7    . DT  B 1 8  ? 1.300   6.049   4.105   1.00 9.63  ? 20 DT  B C7    1 
ATOM   404 C  C6    . DT  B 1 8  ? 3.131   5.652   2.509   1.00 8.78  ? 20 DT  B C6    1 
ATOM   405 P  P     . DC  B 1 9  ? 8.913   7.270   0.224   1.00 13.02 ? 21 DC  B P     1 
ATOM   406 O  OP1   . DC  B 1 9  ? 10.188  6.903   -0.338  1.00 11.01 ? 21 DC  B OP1   1 
ATOM   407 O  OP2   . DC  B 1 9  ? 8.705   8.396   1.135   1.00 9.56  ? 21 DC  B OP2   1 
ATOM   408 O  "O5'" . DC  B 1 9  ? 7.978   7.645   -1.090  1.00 15.57 ? 21 DC  B "O5'" 1 
ATOM   409 C  "C5'" . DC  B 1 9  ? 7.975   6.616   -2.075  1.00 10.85 ? 21 DC  B "C5'" 1 
ATOM   410 C  "C4'" . DC  B 1 9  ? 6.923   7.150   -3.106  1.00 9.15  ? 21 DC  B "C4'" 1 
ATOM   411 O  "O4'" . DC  B 1 9  ? 5.624   7.066   -2.527  1.00 12.46 ? 21 DC  B "O4'" 1 
ATOM   412 C  "C3'" . DC  B 1 9  ? 7.133   8.549   -3.470  1.00 11.57 ? 21 DC  B "C3'" 1 
ATOM   413 O  "O3'" . DC  B 1 9  ? 7.360   8.563   -4.885  1.00 14.13 ? 21 DC  B "O3'" 1 
ATOM   414 C  "C2'" . DC  B 1 9  ? 5.900   9.318   -3.257  1.00 14.43 ? 21 DC  B "C2'" 1 
ATOM   415 C  "C1'" . DC  B 1 9  ? 4.851   8.226   -3.016  1.00 11.73 ? 21 DC  B "C1'" 1 
ATOM   416 N  N1    . DC  B 1 9  ? 3.809   8.375   -2.005  1.00 11.23 ? 21 DC  B N1    1 
ATOM   417 C  C2    . DC  B 1 9  ? 2.469   8.214   -2.372  1.00 12.00 ? 21 DC  B C2    1 
ATOM   418 O  O2    . DC  B 1 9  ? 2.230   7.953   -3.552  1.00 12.93 ? 21 DC  B O2    1 
ATOM   419 N  N3    . DC  B 1 9  ? 1.481   8.342   -1.456  1.00 12.93 ? 21 DC  B N3    1 
ATOM   420 C  C4    . DC  B 1 9  ? 1.811   8.624   -0.193  1.00 11.45 ? 21 DC  B C4    1 
ATOM   421 N  N4    . DC  B 1 9  ? 0.839   8.756   0.725   1.00 12.75 ? 21 DC  B N4    1 
ATOM   422 C  C5    . DC  B 1 9  ? 3.169   8.794   0.206   1.00 14.48 ? 21 DC  B C5    1 
ATOM   423 C  C6    . DC  B 1 9  ? 4.133   8.662   -0.710  1.00 10.46 ? 21 DC  B C6    1 
ATOM   424 P  P     . DG  B 1 10 ? 7.753   9.841   -5.886  1.00 17.57 ? 22 DG  B P     1 
ATOM   425 O  OP1   . DG  B 1 10 ? 8.422   9.235   -7.017  1.00 20.90 ? 22 DG  B OP1   1 
ATOM   426 O  OP2   . DG  B 1 10 ? 8.081   10.967  -5.089  1.00 18.76 ? 22 DG  B OP2   1 
ATOM   427 O  "O5'" . DG  B 1 10 ? 6.224   10.178  -6.498  1.00 12.00 ? 22 DG  B "O5'" 1 
ATOM   428 C  "C5'" . DG  B 1 10 ? 5.572   9.118   -7.209  1.00 12.02 ? 22 DG  B "C5'" 1 
ATOM   429 C  "C4'" . DG  B 1 10 ? 4.238   9.789   -7.710  1.00 17.45 ? 22 DG  B "C4'" 1 
ATOM   430 O  "O4'" . DG  B 1 10 ? 3.377   10.044  -6.604  1.00 18.20 ? 22 DG  B "O4'" 1 
ATOM   431 C  "C3'" . DG  B 1 10 ? 4.489   11.067  -8.387  1.00 16.80 ? 22 DG  B "C3'" 1 
ATOM   432 O  "O3'" . DG  B 1 10 ? 3.621   11.092  -9.536  1.00 19.33 ? 22 DG  B "O3'" 1 
ATOM   433 C  "C2'" . DG  B 1 10 ? 4.091   12.141  -7.476  1.00 12.52 ? 22 DG  B "C2'" 1 
ATOM   434 C  "C1'" . DG  B 1 10 ? 3.052   11.490  -6.534  1.00 14.34 ? 22 DG  B "C1'" 1 
ATOM   435 N  N9    . DG  B 1 10 ? 3.004   11.643  -5.097  1.00 12.40 ? 22 DG  B N9    1 
ATOM   436 C  C8    . DG  B 1 10 ? 3.991   11.892  -4.176  1.00 13.15 ? 22 DG  B C8    1 
ATOM   437 N  N7    . DG  B 1 10 ? 3.546   11.962  -2.940  1.00 17.92 ? 22 DG  B N7    1 
ATOM   438 C  C5    . DG  B 1 10 ? 2.173   11.747  -3.026  1.00 19.05 ? 22 DG  B C5    1 
ATOM   439 C  C6    . DG  B 1 10 ? 1.146   11.701  -2.044  1.00 15.73 ? 22 DG  B C6    1 
ATOM   440 O  O6    . DG  B 1 10 ? 1.158   11.840  -0.817  1.00 14.60 ? 22 DG  B O6    1 
ATOM   441 N  N1    . DG  B 1 10 ? -0.143  11.452  -2.569  1.00 11.72 ? 22 DG  B N1    1 
ATOM   442 C  C2    . DG  B 1 10 ? -0.365  11.272  -3.902  1.00 13.53 ? 22 DG  B C2    1 
ATOM   443 N  N2    . DG  B 1 10 ? -1.645  11.043  -4.240  1.00 8.19  ? 22 DG  B N2    1 
ATOM   444 N  N3    . DG  B 1 10 ? 0.590   11.312  -4.825  1.00 11.90 ? 22 DG  B N3    1 
ATOM   445 C  C4    . DG  B 1 10 ? 1.832   11.550  -4.342  1.00 16.58 ? 22 DG  B C4    1 
ATOM   446 P  P     . DC  B 1 11 ? 3.337   12.299  -10.618 1.00 18.24 ? 23 DC  B P     1 
ATOM   447 O  OP1   . DC  B 1 11 ? 3.083   11.674  -11.908 1.00 21.17 ? 23 DC  B OP1   1 
ATOM   448 O  OP2   . DC  B 1 11 ? 4.190   13.409  -10.315 1.00 15.07 ? 23 DC  B OP2   1 
ATOM   449 O  "O5'" . DC  B 1 11 ? 1.811   12.875  -10.259 1.00 15.95 ? 23 DC  B "O5'" 1 
ATOM   450 C  "C5'" . DC  B 1 11 ? 0.792   11.881  -10.383 1.00 17.69 ? 23 DC  B "C5'" 1 
ATOM   451 C  "C4'" . DC  B 1 11 ? -0.459  12.611  -9.777  1.00 13.49 ? 23 DC  B "C4'" 1 
ATOM   452 O  "O4'" . DC  B 1 11 ? -0.267  12.756  -8.355  1.00 11.30 ? 23 DC  B "O4'" 1 
ATOM   453 C  "C3'" . DC  B 1 11 ? -0.649  13.930  -10.341 1.00 11.73 ? 23 DC  B "C3'" 1 
ATOM   454 O  "O3'" . DC  B 1 11 ? -2.049  14.121  -10.406 1.00 14.15 ? 23 DC  B "O3'" 1 
ATOM   455 C  "C2'" . DC  B 1 11 ? -0.204  14.913  -9.356  1.00 14.93 ? 23 DC  B "C2'" 1 
ATOM   456 C  "C1'" . DC  B 1 11 ? -0.597  14.170  -8.064  1.00 8.54  ? 23 DC  B "C1'" 1 
ATOM   457 N  N1    . DC  B 1 11 ? 0.060   14.449  -6.784  1.00 13.07 ? 23 DC  B N1    1 
ATOM   458 C  C2    . DC  B 1 11 ? -0.674  14.430  -5.600  1.00 13.81 ? 23 DC  B C2    1 
ATOM   459 O  O2    . DC  B 1 11 ? -1.895  14.174  -5.630  1.00 10.13 ? 23 DC  B O2    1 
ATOM   460 N  N3    . DC  B 1 11 ? -0.083  14.684  -4.405  1.00 9.61  ? 23 DC  B N3    1 
ATOM   461 C  C4    . DC  B 1 11 ? 1.217   14.957  -4.418  1.00 14.31 ? 23 DC  B C4    1 
ATOM   462 N  N4    . DC  B 1 11 ? 1.819   15.209  -3.263  1.00 11.65 ? 23 DC  B N4    1 
ATOM   463 C  C5    . DC  B 1 11 ? 1.992   14.982  -5.614  1.00 13.68 ? 23 DC  B C5    1 
ATOM   464 C  C6    . DC  B 1 11 ? 1.398   14.727  -6.784  1.00 10.28 ? 23 DC  B C6    1 
ATOM   465 P  P     . DG  B 1 12 ? -2.905  14.114  -11.823 1.00 20.95 ? 24 DG  B P     1 
ATOM   466 O  OP1   . DG  B 1 12 ? -3.219  12.711  -12.020 1.00 27.39 ? 24 DG  B OP1   1 
ATOM   467 O  OP2   . DG  B 1 12 ? -2.315  15.109  -12.688 1.00 16.08 ? 24 DG  B OP2   1 
ATOM   468 O  "O5'" . DG  B 1 12 ? -4.334  14.810  -11.299 1.00 16.02 ? 24 DG  B "O5'" 1 
ATOM   469 C  "C5'" . DG  B 1 12 ? -4.398  16.238  -11.195 1.00 11.76 ? 24 DG  B "C5'" 1 
ATOM   470 C  "C4'" . DG  B 1 12 ? -5.334  16.473  -9.967  1.00 11.32 ? 24 DG  B "C4'" 1 
ATOM   471 O  "O4'" . DG  B 1 12 ? -4.760  15.895  -8.782  1.00 13.15 ? 24 DG  B "O4'" 1 
ATOM   472 C  "C3'" . DG  B 1 12 ? -5.528  17.882  -9.645  1.00 12.98 ? 24 DG  B "C3'" 1 
ATOM   473 O  "O3'" . DG  B 1 12 ? -6.677  18.304  -10.370 1.00 15.38 ? 24 DG  B "O3'" 1 
ATOM   474 C  "C2'" . DG  B 1 12 ? -5.877  17.951  -8.227  1.00 10.79 ? 24 DG  B "C2'" 1 
ATOM   475 C  "C1'" . DG  B 1 12 ? -5.024  16.799  -7.660  1.00 9.82  ? 24 DG  B "C1'" 1 
ATOM   476 N  N9    . DG  B 1 12 ? -3.714  17.095  -7.123  1.00 8.51  ? 24 DG  B N9    1 
ATOM   477 C  C8    . DG  B 1 12 ? -2.498  17.138  -7.765  1.00 12.37 ? 24 DG  B C8    1 
ATOM   478 N  N7    . DG  B 1 12 ? -1.514  17.443  -6.957  1.00 13.16 ? 24 DG  B N7    1 
ATOM   479 C  C5    . DG  B 1 12 ? -2.094  17.613  -5.710  1.00 7.77  ? 24 DG  B C5    1 
ATOM   480 C  C6    . DG  B 1 12 ? -1.506  17.946  -4.477  1.00 8.82  ? 24 DG  B C6    1 
ATOM   481 O  O6    . DG  B 1 12 ? -0.327  18.172  -4.197  1.00 13.14 ? 24 DG  B O6    1 
ATOM   482 N  N1    . DG  B 1 12 ? -2.438  18.019  -3.450  1.00 9.65  ? 24 DG  B N1    1 
ATOM   483 C  C2    . DG  B 1 12 ? -3.765  17.790  -3.652  1.00 8.63  ? 24 DG  B C2    1 
ATOM   484 N  N2    . DG  B 1 12 ? -4.523  17.906  -2.547  1.00 11.36 ? 24 DG  B N2    1 
ATOM   485 N  N3    . DG  B 1 12 ? -4.349  17.472  -4.811  1.00 11.25 ? 24 DG  B N3    1 
ATOM   486 C  C4    . DG  B 1 12 ? -3.454  17.398  -5.807  1.00 6.29  ? 24 DG  B C4    1 
HETATM 487 C  C     . IA  C 2 .  ? 3.878   5.870   -6.989  1.00 13.03 ? 25 IA  A C     1 
HETATM 488 C  C1    . IA  C 2 .  ? 5.239   4.377   -4.702  1.00 12.98 ? 25 IA  A C1    1 
HETATM 489 C  C2    . IA  C 2 .  ? 3.185   5.623   -5.572  1.00 13.30 ? 25 IA  A C2    1 
HETATM 490 C  C3    . IA  C 2 .  ? 3.894   4.869   -4.452  1.00 11.85 ? 25 IA  A C3    1 
HETATM 491 C  C4    . IA  C 2 .  ? 5.314   5.257   -6.996  1.00 11.50 ? 25 IA  A C4    1 
HETATM 492 C  C5    . IA  C 2 .  ? 5.927   4.542   -5.898  1.00 18.40 ? 25 IA  A C5    1 
HETATM 493 C  C6    . IA  C 2 .  ? 5.763   3.718   -3.603  1.00 14.97 ? 25 IA  A C6    1 
HETATM 494 C  C7    . IA  C 2 .  ? 5.955   2.609   -1.749  1.00 8.64  ? 25 IA  A C7    1 
HETATM 495 C  C8    . IA  C 2 .  ? 7.278   3.009   -2.290  1.00 8.87  ? 25 IA  A C8    1 
HETATM 496 C  C9    . IA  C 2 .  ? 8.579   2.626   -1.635  1.00 13.29 ? 25 IA  A C9    1 
HETATM 497 C  C10   . IA  C 2 .  ? 8.426   1.845   -0.398  1.00 14.99 ? 25 IA  A C10   1 
HETATM 498 C  C11   . IA  C 2 .  ? 7.069   1.483   0.111   1.00 14.63 ? 25 IA  A C11   1 
HETATM 499 C  C12   . IA  C 2 .  ? 5.868   1.860   -0.540  1.00 7.32  ? 25 IA  A C12   1 
HETATM 500 N  N1    . IA  C 2 .  ? 5.051   3.114   -2.651  1.00 12.96 ? 25 IA  A N1    1 
HETATM 501 N  N2    . IA  C 2 .  ? 7.100   3.606   -3.443  1.00 12.58 ? 25 IA  A N2    1 
HETATM 502 C  C13   . IA  C 2 .  ? 6.893   0.708   1.252   1.00 15.92 ? 25 IA  A C13   1 
HETATM 503 C  C14   . IA  C 2 .  ? 6.074   -0.454  2.929   1.00 18.15 ? 25 IA  A C14   1 
HETATM 504 C  C15   . IA  C 2 .  ? 7.475   -0.239  3.157   1.00 19.39 ? 25 IA  A C15   1 
HETATM 505 C  C16   . IA  C 2 .  ? 8.226   -0.858  4.337   1.00 17.53 ? 25 IA  A C16   1 
HETATM 506 C  C17   . IA  C 2 .  ? 7.421   -1.731  5.257   1.00 18.36 ? 25 IA  A C17   1 
HETATM 507 C  C18   . IA  C 2 .  ? 5.891   -1.954  4.966   1.00 22.40 ? 25 IA  A C18   1 
HETATM 508 C  C19   . IA  C 2 .  ? 5.356   -1.255  3.778   1.00 18.11 ? 25 IA  A C19   1 
HETATM 509 N  N3    . IA  C 2 .  ? 5.844   0.095   1.703   1.00 17.02 ? 25 IA  A N3    1 
HETATM 510 N  N4    . IA  C 2 .  ? 7.911   0.563   2.195   1.00 16.80 ? 25 IA  A N4    1 
HETATM 511 N  N6    . IA  C 2 .  ? 5.055   -2.874  5.769   1.00 24.47 ? 25 IA  A N6    1 
HETATM 512 N  N7    . IA  C 2 .  ? 3.436   -4.802  7.170   1.00 35.55 ? 25 IA  A N7    1 
HETATM 513 C  C20   . IA  C 2 .  ? 3.517   -2.726  5.706   1.00 30.41 ? 25 IA  A C20   1 
HETATM 514 C  C21   . IA  C 2 .  ? 3.181   -3.278  7.109   1.00 42.79 ? 25 IA  A C21   1 
HETATM 515 C  C22   . IA  C 2 .  ? 4.960   -4.919  6.996   1.00 28.23 ? 25 IA  A C22   1 
HETATM 516 C  C23   . IA  C 2 .  ? 5.045   -4.406  5.549   1.00 33.11 ? 25 IA  A C23   1 
HETATM 517 C  C24   . IA  C 2 .  ? 2.873   -5.415  8.471   1.00 25.88 ? 25 IA  A C24   1 
HETATM 518 I  I     . IA  C 2 .  ? 6.155   5.536   -8.777  1.00 26.62 ? 25 IA  A I     1 
HETATM 519 MG MG    . MG  D 3 .  ? -5.984  -12.411 13.205  1.00 22.75 ? 26 MG  A MG    1 
HETATM 520 MG MG    . MG  E 3 .  ? 2.411   12.373  -14.182 1.00 58.58 ? 27 MG  B MG    1 
HETATM 521 O  O     . HOH F 4 .  ? 1.432   -0.303  -11.540 1.00 17.61 ? 29 HOH A O     1 
HETATM 522 O  O     . HOH F 4 .  ? 4.817   -3.286  -6.342  1.00 19.97 ? 31 HOH A O     1 
HETATM 523 O  O     . HOH F 4 .  ? 0.009   5.838   -6.626  1.00 22.16 ? 32 HOH A O     1 
HETATM 524 O  O     . HOH F 4 .  ? -12.117 13.971  1.452   1.00 28.39 ? 33 HOH A O     1 
HETATM 525 O  O     . HOH F 4 .  ? -10.063 -11.809 12.961  1.00 27.66 ? 36 HOH A O     1 
HETATM 526 O  O     . HOH F 4 .  ? -8.716  -15.644 11.987  1.00 20.11 ? 37 HOH A O     1 
HETATM 527 O  O     . HOH F 4 .  ? -2.254  7.381   2.298   1.00 37.09 ? 38 HOH A O     1 
HETATM 528 O  O     . HOH F 4 .  ? 5.149   -12.385 -1.063  1.00 34.04 ? 43 HOH A O     1 
HETATM 529 O  O     . HOH F 4 .  ? 3.683   17.153  -0.571  1.00 28.64 ? 45 HOH A O     1 
HETATM 530 O  O     . HOH F 4 .  ? 0.503   -9.642  6.582   1.00 29.00 ? 47 HOH A O     1 
HETATM 531 O  O     . HOH F 4 .  ? 0.332   -17.322 9.256   1.00 48.96 ? 48 HOH A O     1 
HETATM 532 O  O     . HOH F 4 .  ? -10.936 15.029  4.376   1.00 44.31 ? 49 HOH A O     1 
HETATM 533 O  O     . HOH F 4 .  ? -3.014  14.218  5.762   1.00 39.38 ? 50 HOH A O     1 
HETATM 534 O  O     . HOH F 4 .  ? 4.939   -16.350 8.695   1.00 38.77 ? 51 HOH A O     1 
HETATM 535 O  O     . HOH F 4 .  ? -3.223  -0.270  -3.952  1.00 27.62 ? 53 HOH A O     1 
HETATM 536 O  O     . HOH F 4 .  ? -9.011  3.725   -11.343 1.00 46.45 ? 54 HOH A O     1 
HETATM 537 O  O     . HOH F 4 .  ? -5.676  2.938   -1.338  1.00 35.09 ? 58 HOH A O     1 
HETATM 538 O  O     . HOH F 4 .  ? 3.145   -10.421 -4.291  1.00 37.89 ? 59 HOH A O     1 
HETATM 539 O  O     . HOH F 4 .  ? 2.170   14.021  0.574   1.00 38.35 ? 64 HOH A O     1 
HETATM 540 O  O     . HOH F 4 .  ? -2.416  -2.874  -3.253  1.00 42.01 ? 65 HOH A O     1 
HETATM 541 O  O     . HOH F 4 .  ? -4.523  -13.296 14.337  1.00 20.21 ? 68 HOH A O     1 
HETATM 542 O  O     . HOH F 4 .  ? -7.450  -11.794 11.957  1.00 15.47 ? 69 HOH A O     1 
HETATM 543 O  O     . HOH F 4 .  ? -5.394  -10.395 13.946  1.00 20.07 ? 70 HOH A O     1 
HETATM 544 O  O     . HOH F 4 .  ? -6.543  -14.358 12.709  1.00 15.20 ? 71 HOH A O     1 
HETATM 545 O  O     . HOH G 4 .  ? 6.708   10.260  0.820   1.00 15.71 ? 28 HOH B O     1 
HETATM 546 O  O     . HOH G 4 .  ? 4.106   6.562   6.044   1.00 19.25 ? 30 HOH B O     1 
HETATM 547 O  O     . HOH G 4 .  ? -1.114  11.355  -13.184 1.00 30.85 ? 34 HOH B O     1 
HETATM 548 O  O     . HOH G 4 .  ? 0.921   4.135   7.603   1.00 27.27 ? 35 HOH B O     1 
HETATM 549 O  O     . HOH G 4 .  ? -8.959  -7.527  5.503   1.00 28.57 ? 39 HOH B O     1 
HETATM 550 O  O     . HOH G 4 .  ? -0.420  10.176  -7.322  1.00 23.34 ? 40 HOH B O     1 
HETATM 551 O  O     . HOH G 4 .  ? 8.165   9.849   -9.717  1.00 27.75 ? 41 HOH B O     1 
HETATM 552 O  O     . HOH G 4 .  ? -4.404  -23.411 -5.259  1.00 24.39 ? 42 HOH B O     1 
HETATM 553 O  O     . HOH G 4 .  ? -0.477  -9.404  -4.237  1.00 29.75 ? 44 HOH B O     1 
HETATM 554 O  O     . HOH G 4 .  ? -9.729  -17.277 -4.178  1.00 32.55 ? 46 HOH B O     1 
HETATM 555 O  O     . HOH G 4 .  ? 2.164   8.540   -11.689 1.00 41.21 ? 52 HOH B O     1 
HETATM 556 O  O     . HOH G 4 .  ? 10.146  6.847   -6.799  1.00 40.14 ? 55 HOH B O     1 
HETATM 557 O  O     . HOH G 4 .  ? -4.167  -2.895  -0.167  1.00 42.89 ? 56 HOH B O     1 
HETATM 558 O  O     . HOH G 4 .  ? 7.334   13.155  -10.070 1.00 46.05 ? 57 HOH B O     1 
HETATM 559 O  O     . HOH G 4 .  ? 0.485   -5.038  6.751   1.00 33.41 ? 60 HOH B O     1 
HETATM 560 O  O     . HOH G 4 .  ? 11.298  4.793   -2.198  1.00 39.69 ? 61 HOH B O     1 
HETATM 561 O  O     . HOH G 4 .  ? -2.336  -24.294 -6.249  1.00 39.37 ? 62 HOH B O     1 
HETATM 562 O  O     . HOH G 4 .  ? 2.184   18.845  -5.615  1.00 39.37 ? 63 HOH B O     1 
HETATM 563 O  O     . HOH G 4 .  ? -7.132  -3.212  -0.254  1.00 41.44 ? 66 HOH B O     1 
HETATM 564 O  O     . HOH G 4 .  ? 0.995   18.515  -7.823  1.00 42.35 ? 67 HOH B O     1 
# 
